data_2H96
#
_entry.id   2H96
#
_cell.length_a   155.660
_cell.length_b   155.660
_cell.length_c   125.163
_cell.angle_alpha   90.00
_cell.angle_beta   90.00
_cell.angle_gamma   120.00
#
_symmetry.space_group_name_H-M   'P 32 2 1'
#
loop_
_entity.id
_entity.type
_entity.pdbx_description
1 polymer 'Mitogen-activated protein kinase 8'
2 polymer 'C-jun-amino-terminal kinase-interacting protein 1'
3 non-polymer 'SULFATE ION'
4 non-polymer 5-CYANO-N-(2,5-DIMETHOXYBENZYL)-6-ETHOXYPYRIDINE-2-CARBOXAMIDE
5 non-polymer GLYCEROL
#
loop_
_entity_poly.entity_id
_entity_poly.type
_entity_poly.pdbx_seq_one_letter_code
_entity_poly.pdbx_strand_id
1 'polypeptide(L)'
;MSRSKRDNNFYSVEIGDSTFTVLKRYQNLKPIGSGAQGIVCAAYDAILERNVAIKKLSRPFQNQTHAKRAYRELVLMKCV
NHKNIIGLLNVFTPQKSLEEFQDVYIVMELMDANLCQVIQMELDHERMSYLLYQMLCGIKHLHSAGIIHRDLKPSNIVVK
SDCTLKILDFGLARTAGTSFMMEPEVVTRYYRAPEVILGMGYKENVDLWSVGCIMGEMVCHKILFPGRDYIDQWNKVIEQ
LGTPCPEFMKKLQPTVRTYVENRPKYAGYSFEKLFPDVLFPADSEHNKLKASQARDLLSKMLVIDASKRISVDEALQHPY
INVWYDPSEAEAPPPKIPDKQLDEREHTIEEWKELIYKEVMDLEHHHHHH
;
A,B
2 'polypeptide(L)' RPKRPTTLNLF F,G
#
loop_
_chem_comp.id
_chem_comp.type
_chem_comp.name
_chem_comp.formula
893 non-polymer 5-CYANO-N-(2,5-DIMETHOXYBENZYL)-6-ETHOXYPYRIDINE-2-CARBOXAMIDE 'C18 H19 N3 O4'
GOL non-polymer GLYCEROL 'C3 H8 O3'
SO4 non-polymer 'SULFATE ION' 'O4 S -2'
#
# COMPACT_ATOMS: atom_id res chain seq x y z
N ASP A 7 -9.63 33.51 33.25
CA ASP A 7 -8.66 34.61 33.60
C ASP A 7 -7.31 34.01 33.99
N ASN A 8 -7.15 32.71 33.75
CA ASN A 8 -5.90 32.03 34.08
C ASN A 8 -4.85 32.34 33.01
N ASN A 9 -5.09 33.45 32.30
CA ASN A 9 -4.21 33.97 31.25
C ASN A 9 -4.26 33.23 29.92
N PHE A 10 -5.44 32.71 29.60
CA PHE A 10 -5.69 31.98 28.37
C PHE A 10 -7.09 32.37 27.95
N TYR A 11 -7.91 31.35 27.69
CA TYR A 11 -9.33 31.48 27.32
C TYR A 11 -9.75 30.70 26.10
N SER A 12 -11.06 30.56 25.96
CA SER A 12 -11.60 29.84 24.84
C SER A 12 -12.60 30.68 24.08
N VAL A 13 -12.78 30.32 22.81
CA VAL A 13 -13.71 30.98 21.94
C VAL A 13 -14.44 29.92 21.14
N GLU A 14 -15.76 30.05 21.06
CA GLU A 14 -16.59 29.12 20.34
C GLU A 14 -16.31 29.18 18.84
N ILE A 15 -15.25 28.51 18.41
CA ILE A 15 -14.85 28.51 17.00
C ILE A 15 -15.72 27.62 16.12
N GLY A 16 -16.75 28.24 15.53
CA GLY A 16 -17.64 27.51 14.65
C GLY A 16 -18.11 26.16 15.17
N ASP A 17 -17.42 25.10 14.76
CA ASP A 17 -17.79 23.75 15.17
C ASP A 17 -17.26 23.34 16.54
N SER A 18 -16.03 23.69 16.86
CA SER A 18 -15.46 23.32 18.15
C SER A 18 -15.05 24.52 19.00
N THR A 19 -14.16 24.26 19.95
CA THR A 19 -13.67 25.28 20.86
C THR A 19 -12.17 25.49 20.68
N PHE A 20 -11.71 26.70 20.96
CA PHE A 20 -10.29 27.03 20.87
C PHE A 20 -9.83 27.43 22.25
N THR A 21 -8.53 27.66 22.41
CA THR A 21 -7.97 28.05 23.70
C THR A 21 -6.62 28.71 23.47
N VAL A 22 -6.56 30.02 23.58
CA VAL A 22 -5.31 30.72 23.34
C VAL A 22 -4.94 31.77 24.38
N LEU A 23 -3.65 32.10 24.41
CA LEU A 23 -3.14 33.13 25.30
C LEU A 23 -3.91 34.40 24.96
N LYS A 24 -4.63 34.94 25.92
CA LYS A 24 -5.43 36.15 25.74
C LYS A 24 -4.98 37.05 24.59
N ARG A 25 -3.67 37.29 24.46
CA ARG A 25 -3.10 38.15 23.42
C ARG A 25 -3.75 38.04 22.03
N TYR A 26 -4.31 36.88 21.72
CA TYR A 26 -4.93 36.67 20.42
C TYR A 26 -6.43 37.01 20.43
N GLN A 27 -6.80 38.07 19.72
CA GLN A 27 -8.20 38.52 19.70
C GLN A 27 -8.95 38.36 18.38
N ASN A 28 -10.27 38.33 18.47
CA ASN A 28 -11.16 38.21 17.30
C ASN A 28 -10.80 37.04 16.42
N LEU A 29 -10.92 35.84 16.96
CA LEU A 29 -10.58 34.62 16.24
C LEU A 29 -11.66 34.21 15.25
N LYS A 30 -11.48 34.54 13.97
CA LYS A 30 -12.45 34.12 12.97
C LYS A 30 -11.76 33.07 12.09
N PRO A 31 -12.46 31.97 11.77
CA PRO A 31 -11.95 30.88 10.95
C PRO A 31 -11.65 31.27 9.50
N ILE A 32 -10.77 30.49 8.88
CA ILE A 32 -10.36 30.71 7.49
C ILE A 32 -9.83 29.38 6.97
N GLY A 33 -9.33 28.57 7.88
CA GLY A 33 -8.77 27.29 7.52
C GLY A 33 -9.47 26.09 8.14
N SER A 34 -10.18 25.37 7.30
CA SER A 34 -10.92 24.17 7.69
C SER A 34 -10.24 23.09 6.87
N GLY A 35 -9.47 22.22 7.51
CA GLY A 35 -8.79 21.18 6.76
C GLY A 35 -8.63 19.80 7.38
N ALA A 36 -7.72 19.02 6.80
CA ALA A 36 -7.44 17.67 7.25
C ALA A 36 -6.41 17.64 8.39
N GLN A 37 -6.06 18.80 8.91
CA GLN A 37 -5.12 18.87 10.02
C GLN A 37 -5.69 19.75 11.14
N GLY A 38 -6.94 20.19 10.95
CA GLY A 38 -7.58 21.01 11.96
C GLY A 38 -7.87 22.43 11.54
N ILE A 39 -8.77 23.10 12.26
CA ILE A 39 -9.12 24.48 11.96
C ILE A 39 -7.92 25.43 12.13
N VAL A 40 -7.92 26.49 11.35
CA VAL A 40 -6.87 27.51 11.38
C VAL A 40 -7.59 28.84 11.19
N CYS A 41 -7.72 29.62 12.25
CA CYS A 41 -8.38 30.91 12.12
C CYS A 41 -7.42 32.07 12.25
N ALA A 42 -7.82 33.22 11.74
CA ALA A 42 -7.00 34.43 11.79
C ALA A 42 -7.28 35.09 13.12
N ALA A 43 -6.29 35.82 13.63
CA ALA A 43 -6.43 36.50 14.90
C ALA A 43 -5.56 37.74 14.91
N TYR A 44 -5.83 38.68 15.82
CA TYR A 44 -5.01 39.88 15.93
C TYR A 44 -4.17 39.86 17.18
N ASP A 45 -2.96 39.32 17.07
CA ASP A 45 -2.09 39.26 18.23
C ASP A 45 -1.86 40.67 18.71
N ALA A 46 -2.38 40.99 19.89
CA ALA A 46 -2.22 42.31 20.48
C ALA A 46 -0.74 42.63 20.66
N ILE A 47 -0.11 41.94 21.61
CA ILE A 47 1.30 42.15 21.89
C ILE A 47 2.15 42.41 20.64
N LEU A 48 1.73 41.81 19.52
CA LEU A 48 2.47 41.95 18.27
C LEU A 48 2.17 43.21 17.47
N GLU A 49 0.92 43.66 17.49
CA GLU A 49 0.49 44.85 16.75
C GLU A 49 0.46 44.51 15.26
N ARG A 50 0.11 43.26 14.99
CA ARG A 50 0.01 42.76 13.63
C ARG A 50 -0.95 41.55 13.73
N ASN A 51 -1.59 41.19 12.63
CA ASN A 51 -2.49 40.05 12.65
C ASN A 51 -1.76 38.74 12.43
N VAL A 52 -2.33 37.66 12.93
CA VAL A 52 -1.70 36.37 12.81
C VAL A 52 -2.68 35.26 12.52
N ALA A 53 -2.14 34.06 12.30
CA ALA A 53 -2.96 32.90 12.03
C ALA A 53 -2.65 31.83 13.07
N ILE A 54 -3.68 31.17 13.54
CA ILE A 54 -3.51 30.14 14.55
C ILE A 54 -4.12 28.82 14.11
N LYS A 55 -3.32 27.75 14.12
CA LYS A 55 -3.81 26.43 13.74
C LYS A 55 -3.90 25.59 15.00
N LYS A 56 -4.96 24.80 15.12
CA LYS A 56 -5.12 23.93 16.28
C LYS A 56 -5.06 22.52 15.74
N LEU A 57 -4.00 21.79 16.05
CA LEU A 57 -3.85 20.43 15.55
C LEU A 57 -4.98 19.48 15.95
N SER A 58 -5.66 18.93 14.94
CA SER A 58 -6.78 18.01 15.15
C SER A 58 -6.34 16.57 15.44
N ARG A 59 -6.58 16.13 16.67
CA ARG A 59 -6.20 14.79 17.11
C ARG A 59 -4.76 14.52 16.70
N PRO A 60 -3.80 15.11 17.44
CA PRO A 60 -2.36 14.98 17.19
C PRO A 60 -1.81 13.60 17.54
N PHE A 61 -2.53 12.89 18.40
CA PHE A 61 -2.11 11.57 18.85
C PHE A 61 -3.07 10.46 18.46
N GLN A 62 -4.00 10.78 17.57
CA GLN A 62 -4.99 9.80 17.10
C GLN A 62 -4.35 8.51 16.62
N ASN A 63 -3.29 8.63 15.85
CA ASN A 63 -2.60 7.46 15.32
C ASN A 63 -1.10 7.63 15.55
N GLN A 64 -0.36 6.54 15.50
CA GLN A 64 1.08 6.60 15.70
C GLN A 64 1.63 7.47 14.57
N THR A 65 0.84 7.66 13.53
CA THR A 65 1.26 8.45 12.37
C THR A 65 1.06 9.94 12.57
N HIS A 66 -0.10 10.35 13.07
CA HIS A 66 -0.34 11.76 13.31
C HIS A 66 0.81 12.27 14.16
N ALA A 67 1.14 11.50 15.17
CA ALA A 67 2.24 11.85 16.06
C ALA A 67 3.45 12.16 15.19
N LYS A 68 3.85 11.18 14.39
CA LYS A 68 5.00 11.31 13.50
C LYS A 68 4.89 12.56 12.63
N ARG A 69 3.67 13.03 12.39
CA ARG A 69 3.47 14.21 11.55
C ARG A 69 3.41 15.50 12.36
N ALA A 70 2.73 15.44 13.49
CA ALA A 70 2.63 16.61 14.38
C ALA A 70 4.06 17.01 14.72
N TYR A 71 4.85 16.02 15.14
CA TYR A 71 6.24 16.26 15.50
C TYR A 71 6.99 16.92 14.35
N ARG A 72 7.04 16.24 13.20
CA ARG A 72 7.74 16.79 12.04
C ARG A 72 7.22 18.19 11.77
N GLU A 73 5.90 18.35 11.83
CA GLU A 73 5.28 19.63 11.62
C GLU A 73 6.05 20.61 12.50
N LEU A 74 5.86 20.50 13.82
CA LEU A 74 6.55 21.37 14.77
C LEU A 74 8.00 21.53 14.34
N VAL A 75 8.79 20.50 14.62
CA VAL A 75 10.21 20.49 14.29
C VAL A 75 10.53 21.33 13.07
N LEU A 76 10.04 20.89 11.92
CA LEU A 76 10.28 21.57 10.65
C LEU A 76 9.84 23.01 10.61
N MET A 77 8.77 23.35 11.32
CA MET A 77 8.31 24.73 11.35
C MET A 77 9.42 25.53 12.03
N LYS A 78 10.03 24.92 13.02
CA LYS A 78 11.10 25.54 13.78
C LYS A 78 12.44 25.60 13.04
N CYS A 79 12.96 24.43 12.67
CA CYS A 79 14.25 24.30 12.00
C CYS A 79 14.43 24.88 10.59
N VAL A 80 13.40 25.48 10.01
CA VAL A 80 13.55 25.98 8.65
C VAL A 80 12.97 27.37 8.38
N ASN A 81 13.83 28.28 7.92
CA ASN A 81 13.37 29.65 7.62
C ASN A 81 13.78 30.26 6.27
N HIS A 82 12.84 31.00 5.69
CA HIS A 82 13.03 31.66 4.40
C HIS A 82 11.94 32.72 4.26
N LYS A 83 12.15 33.73 3.40
CA LYS A 83 11.14 34.77 3.22
C LYS A 83 9.98 34.24 2.42
N ASN A 84 10.13 33.03 1.92
CA ASN A 84 9.07 32.38 1.13
C ASN A 84 8.52 31.14 1.81
N ILE A 85 8.58 31.10 3.14
CA ILE A 85 8.08 29.99 3.92
C ILE A 85 7.40 30.60 5.13
N ILE A 86 6.09 30.38 5.29
CA ILE A 86 5.35 30.95 6.43
C ILE A 86 6.16 30.82 7.72
N GLY A 87 6.41 31.96 8.35
CA GLY A 87 7.19 31.97 9.57
C GLY A 87 6.45 31.54 10.81
N LEU A 88 7.12 30.74 11.63
CA LEU A 88 6.56 30.23 12.88
C LEU A 88 6.68 31.30 13.96
N LEU A 89 5.56 31.95 14.26
CA LEU A 89 5.56 32.98 15.27
C LEU A 89 5.56 32.38 16.65
N ASN A 90 4.91 31.24 16.79
CA ASN A 90 4.83 30.65 18.11
C ASN A 90 4.18 29.27 18.07
N VAL A 91 4.08 28.67 19.25
CA VAL A 91 3.47 27.36 19.45
C VAL A 91 3.24 27.26 20.95
N PHE A 92 2.00 26.97 21.33
CA PHE A 92 1.68 26.89 22.75
C PHE A 92 0.62 25.84 23.02
N THR A 93 0.42 25.60 24.30
CA THR A 93 -0.58 24.64 24.77
C THR A 93 -1.16 25.20 26.06
N PRO A 94 -2.45 24.94 26.32
CA PRO A 94 -3.09 25.44 27.53
C PRO A 94 -2.93 24.46 28.70
N GLN A 95 -2.97 23.17 28.42
CA GLN A 95 -2.82 22.17 29.48
C GLN A 95 -1.57 22.47 30.29
N LYS A 96 -1.60 22.12 31.57
CA LYS A 96 -0.48 22.39 32.46
C LYS A 96 0.63 21.35 32.46
N SER A 97 0.29 20.06 32.43
CA SER A 97 1.30 19.01 32.45
C SER A 97 1.00 17.86 31.50
N LEU A 98 2.05 17.11 31.15
CA LEU A 98 1.95 15.97 30.24
C LEU A 98 0.69 15.12 30.42
N GLU A 99 0.20 15.05 31.65
CA GLU A 99 -1.01 14.29 31.92
C GLU A 99 -2.14 14.92 31.11
N GLU A 100 -2.37 16.19 31.39
CA GLU A 100 -3.40 16.99 30.73
C GLU A 100 -3.11 17.05 29.22
N PHE A 101 -1.93 17.54 28.86
CA PHE A 101 -1.45 17.71 27.48
C PHE A 101 -2.07 16.81 26.40
N GLN A 102 -2.51 17.43 25.31
CA GLN A 102 -3.11 16.73 24.17
C GLN A 102 -3.60 17.70 23.07
N ASP A 103 -3.56 18.99 23.37
CA ASP A 103 -3.99 20.02 22.43
C ASP A 103 -2.85 20.98 22.13
N VAL A 104 -2.55 21.17 20.85
CA VAL A 104 -1.47 22.08 20.49
C VAL A 104 -1.88 23.10 19.45
N TYR A 105 -1.63 24.36 19.77
CA TYR A 105 -1.95 25.46 18.88
C TYR A 105 -0.64 26.06 18.37
N ILE A 106 -0.54 26.16 17.04
CA ILE A 106 0.65 26.73 16.42
C ILE A 106 0.29 28.09 15.84
N VAL A 107 1.16 29.06 16.01
CA VAL A 107 0.92 30.41 15.51
C VAL A 107 1.96 30.84 14.48
N MET A 108 1.50 31.45 13.39
CA MET A 108 2.42 31.90 12.36
C MET A 108 1.83 33.08 11.62
N GLU A 109 2.73 33.85 11.01
CA GLU A 109 2.38 35.03 10.24
C GLU A 109 1.26 34.69 9.26
N LEU A 110 0.50 35.71 8.83
CA LEU A 110 -0.57 35.42 7.89
C LEU A 110 -0.61 36.41 6.72
N MET A 111 -0.63 35.88 5.49
CA MET A 111 -0.68 36.71 4.29
C MET A 111 -2.12 37.13 4.03
N ASP A 112 -2.42 37.54 2.80
CA ASP A 112 -3.76 38.00 2.47
C ASP A 112 -4.71 36.95 1.89
N ALA A 113 -4.21 36.01 1.09
CA ALA A 113 -5.12 35.03 0.51
C ALA A 113 -4.52 33.69 0.08
N ASN A 114 -5.32 32.94 -0.65
CA ASN A 114 -4.92 31.64 -1.15
C ASN A 114 -4.56 31.72 -2.61
N LEU A 115 -3.74 30.79 -3.08
CA LEU A 115 -3.37 30.79 -4.49
C LEU A 115 -4.62 30.49 -5.32
N CYS A 116 -5.65 29.96 -4.68
CA CYS A 116 -6.90 29.65 -5.36
C CYS A 116 -7.49 30.99 -5.75
N GLN A 117 -7.11 32.01 -5.00
CA GLN A 117 -7.58 33.37 -5.24
C GLN A 117 -6.89 33.93 -6.46
N VAL A 118 -5.63 33.58 -6.65
CA VAL A 118 -4.86 34.04 -7.80
C VAL A 118 -5.34 33.28 -9.03
N ILE A 119 -5.38 31.96 -8.90
CA ILE A 119 -5.83 31.06 -9.96
C ILE A 119 -7.19 31.47 -10.57
N GLN A 120 -7.85 32.44 -9.94
CA GLN A 120 -9.14 32.92 -10.44
C GLN A 120 -9.05 34.30 -11.06
N MET A 121 -7.84 34.74 -11.34
CA MET A 121 -7.62 36.04 -11.96
C MET A 121 -6.52 35.93 -13.01
N GLU A 122 -6.57 36.78 -14.02
CA GLU A 122 -5.57 36.73 -15.05
C GLU A 122 -4.41 37.65 -14.71
N LEU A 123 -3.21 37.07 -14.63
CA LEU A 123 -2.02 37.82 -14.31
C LEU A 123 -1.28 38.15 -15.59
N ASP A 124 -0.05 38.60 -15.44
CA ASP A 124 0.81 38.95 -16.57
C ASP A 124 2.17 38.37 -16.26
N HIS A 125 2.95 38.15 -17.30
CA HIS A 125 4.27 37.58 -17.16
C HIS A 125 5.05 38.11 -15.96
N GLU A 126 4.91 39.40 -15.66
CA GLU A 126 5.60 40.00 -14.53
C GLU A 126 5.17 39.27 -13.26
N ARG A 127 3.88 39.31 -12.98
CA ARG A 127 3.31 38.68 -11.79
C ARG A 127 3.50 37.17 -11.74
N MET A 128 2.96 36.48 -12.74
CA MET A 128 3.04 35.03 -12.79
C MET A 128 4.46 34.50 -12.62
N SER A 129 5.38 35.06 -13.39
CA SER A 129 6.76 34.63 -13.32
C SER A 129 7.36 34.91 -11.98
N TYR A 130 7.02 36.06 -11.40
CA TYR A 130 7.57 36.40 -10.09
C TYR A 130 7.00 35.44 -9.06
N LEU A 131 5.68 35.28 -9.06
CA LEU A 131 5.04 34.36 -8.12
C LEU A 131 5.67 32.96 -8.15
N LEU A 132 5.89 32.44 -9.36
CA LEU A 132 6.51 31.11 -9.52
C LEU A 132 7.92 31.11 -8.98
N TYR A 133 8.63 32.22 -9.21
CA TYR A 133 10.01 32.40 -8.73
C TYR A 133 10.07 32.25 -7.22
N GLN A 134 9.22 33.00 -6.54
CA GLN A 134 9.16 32.95 -5.09
C GLN A 134 8.85 31.53 -4.63
N MET A 135 7.83 30.93 -5.23
CA MET A 135 7.44 29.58 -4.89
C MET A 135 8.62 28.65 -5.08
N LEU A 136 9.34 28.85 -6.18
CA LEU A 136 10.50 28.03 -6.46
C LEU A 136 11.61 28.21 -5.43
N CYS A 137 11.84 29.44 -4.97
CA CYS A 137 12.88 29.69 -3.97
C CYS A 137 12.50 29.04 -2.64
N GLY A 138 11.23 29.16 -2.28
CA GLY A 138 10.77 28.55 -1.04
C GLY A 138 11.09 27.08 -0.97
N ILE A 139 10.84 26.37 -2.08
CA ILE A 139 11.07 24.93 -2.15
C ILE A 139 12.57 24.60 -2.13
N LYS A 140 13.34 25.31 -2.95
CA LYS A 140 14.77 25.11 -3.02
C LYS A 140 15.32 25.10 -1.59
N HIS A 141 14.78 25.97 -0.74
CA HIS A 141 15.23 26.03 0.64
C HIS A 141 15.01 24.67 1.27
N LEU A 142 13.79 24.16 1.20
CA LEU A 142 13.49 22.87 1.77
C LEU A 142 14.33 21.76 1.16
N HIS A 143 14.41 21.73 -0.16
CA HIS A 143 15.17 20.69 -0.82
C HIS A 143 16.64 20.69 -0.42
N SER A 144 17.19 21.88 -0.22
CA SER A 144 18.59 22.02 0.15
C SER A 144 18.91 21.26 1.43
N ALA A 145 17.88 20.89 2.19
CA ALA A 145 18.07 20.14 3.44
C ALA A 145 17.57 18.72 3.31
N GLY A 146 17.39 18.27 2.07
CA GLY A 146 16.88 16.93 1.84
C GLY A 146 15.43 16.79 2.29
N ILE A 147 14.76 17.91 2.46
CA ILE A 147 13.35 17.88 2.88
C ILE A 147 12.43 17.96 1.67
N ILE A 148 11.40 17.12 1.67
CA ILE A 148 10.44 17.12 0.57
C ILE A 148 9.13 17.57 1.19
N HIS A 149 8.33 18.31 0.44
CA HIS A 149 7.07 18.79 0.99
C HIS A 149 5.98 17.74 0.83
N ARG A 150 5.97 17.11 -0.34
CA ARG A 150 4.99 16.08 -0.67
C ARG A 150 3.56 16.58 -0.75
N ASP A 151 3.35 17.88 -0.60
CA ASP A 151 1.99 18.36 -0.67
C ASP A 151 1.80 19.79 -1.08
N LEU A 152 2.52 20.19 -2.13
CA LEU A 152 2.37 21.53 -2.63
C LEU A 152 1.10 21.59 -3.45
N LYS A 153 0.30 22.62 -3.20
CA LYS A 153 -0.94 22.82 -3.92
C LYS A 153 -1.43 24.23 -3.62
N PRO A 154 -2.54 24.64 -4.26
CA PRO A 154 -3.01 26.00 -3.98
C PRO A 154 -3.36 26.21 -2.50
N SER A 155 -4.11 25.28 -1.90
CA SER A 155 -4.50 25.40 -0.49
C SER A 155 -3.32 25.68 0.43
N ASN A 156 -2.12 25.25 0.02
CA ASN A 156 -0.90 25.44 0.81
C ASN A 156 0.04 26.51 0.29
N ILE A 157 -0.51 27.52 -0.37
CA ILE A 157 0.30 28.61 -0.87
C ILE A 157 -0.49 29.91 -0.70
N VAL A 158 0.12 30.85 0.00
CA VAL A 158 -0.51 32.13 0.28
C VAL A 158 0.18 33.34 -0.32
N VAL A 159 -0.63 34.29 -0.75
CA VAL A 159 -0.13 35.53 -1.35
C VAL A 159 -0.63 36.69 -0.52
N LYS A 160 0.06 37.82 -0.63
CA LYS A 160 -0.28 39.03 0.11
C LYS A 160 -0.35 40.12 -0.95
N SER A 161 -1.09 41.19 -0.66
CA SER A 161 -1.25 42.29 -1.59
C SER A 161 0.02 42.87 -2.24
N ASP A 162 1.17 42.69 -1.60
CA ASP A 162 2.43 43.20 -2.16
C ASP A 162 3.07 42.21 -3.11
N CYS A 163 2.25 41.31 -3.64
CA CYS A 163 2.67 40.29 -4.59
C CYS A 163 3.83 39.40 -4.18
N THR A 164 3.73 38.80 -3.00
CA THR A 164 4.74 37.88 -2.52
C THR A 164 3.98 36.66 -2.03
N LEU A 165 4.61 35.49 -2.14
CA LEU A 165 3.95 34.28 -1.72
C LEU A 165 4.80 33.50 -0.75
N LYS A 166 4.15 32.65 0.04
CA LYS A 166 4.87 31.82 1.00
C LYS A 166 4.23 30.45 1.11
N ILE A 167 5.10 29.44 1.10
CA ILE A 167 4.71 28.04 1.21
C ILE A 167 4.03 27.79 2.56
N LEU A 168 3.31 26.70 2.67
CA LEU A 168 2.60 26.42 3.89
C LEU A 168 2.61 24.94 4.25
N ASP A 169 2.15 24.64 5.47
CA ASP A 169 2.06 23.29 5.99
C ASP A 169 3.32 22.43 5.81
N PHE A 170 3.64 21.64 6.84
CA PHE A 170 4.78 20.76 6.82
C PHE A 170 4.38 19.47 7.52
N GLY A 171 3.12 19.45 7.98
CA GLY A 171 2.59 18.30 8.70
C GLY A 171 2.68 17.01 7.92
N LEU A 172 3.07 17.13 6.65
CA LEU A 172 3.19 15.99 5.77
C LEU A 172 4.58 16.04 5.13
N ALA A 173 5.36 17.02 5.53
CA ALA A 173 6.71 17.20 5.03
C ALA A 173 7.69 16.23 5.67
N ARG A 174 8.51 15.59 4.84
CA ARG A 174 9.50 14.64 5.32
C ARG A 174 10.60 14.43 4.31
N THR A 175 11.61 13.67 4.71
CA THR A 175 12.73 13.41 3.84
C THR A 175 12.82 11.92 3.52
N ALA A 176 13.81 11.57 2.71
CA ALA A 176 14.04 10.18 2.31
C ALA A 176 13.15 9.80 1.15
N GLY A 177 12.97 8.50 0.94
CA GLY A 177 12.14 8.03 -0.16
C GLY A 177 12.14 6.52 -0.27
N THR A 178 12.64 5.89 0.80
CA THR A 178 12.73 4.44 0.91
C THR A 178 11.41 3.83 0.43
N SER A 179 10.41 3.97 1.27
CA SER A 179 9.08 3.47 0.98
C SER A 179 8.55 3.93 -0.38
N PHE A 180 7.37 3.44 -0.71
CA PHE A 180 6.69 3.78 -1.94
C PHE A 180 5.51 4.62 -1.47
N MET A 181 5.57 5.00 -0.19
CA MET A 181 4.53 5.80 0.46
C MET A 181 3.44 4.81 0.88
N MET A 182 3.51 4.36 2.13
CA MET A 182 2.51 3.42 2.66
C MET A 182 1.19 4.18 2.81
N GLU A 183 1.31 5.50 2.84
CA GLU A 183 0.17 6.38 2.99
C GLU A 183 0.23 7.45 1.90
N PRO A 184 0.13 7.03 0.62
CA PRO A 184 0.18 7.96 -0.52
C PRO A 184 -1.20 8.60 -0.62
N GLU A 185 -2.16 7.92 -0.03
CA GLU A 185 -3.54 8.37 -0.01
C GLU A 185 -3.66 9.77 0.60
N VAL A 186 -2.62 10.20 1.31
CA VAL A 186 -2.62 11.51 1.98
C VAL A 186 -2.46 12.78 1.14
N VAL A 187 -1.57 12.74 0.15
CA VAL A 187 -1.40 13.93 -0.65
C VAL A 187 -2.68 14.12 -1.46
N THR A 188 -2.97 15.35 -1.86
CA THR A 188 -4.19 15.66 -2.60
C THR A 188 -4.25 15.24 -4.08
N ARG A 189 -4.95 14.14 -4.32
CA ARG A 189 -5.15 13.57 -5.65
C ARG A 189 -4.77 14.34 -6.92
N TYR A 190 -5.49 15.43 -7.20
CA TYR A 190 -5.24 16.22 -8.42
C TYR A 190 -3.81 16.69 -8.63
N TYR A 191 -2.98 16.53 -7.59
CA TYR A 191 -1.61 16.97 -7.66
C TYR A 191 -0.60 15.85 -7.39
N ARG A 192 -1.08 14.65 -7.13
CA ARG A 192 -0.17 13.55 -6.88
C ARG A 192 0.76 13.35 -8.07
N ALA A 193 2.03 13.11 -7.78
CA ALA A 193 2.99 12.89 -8.84
C ALA A 193 3.03 11.42 -9.17
N PRO A 194 3.22 11.06 -10.45
CA PRO A 194 3.27 9.68 -10.92
C PRO A 194 3.97 8.71 -9.97
N GLU A 195 5.13 9.08 -9.42
CA GLU A 195 5.85 8.18 -8.53
C GLU A 195 5.05 7.89 -7.28
N VAL A 196 4.15 8.79 -6.96
CA VAL A 196 3.31 8.61 -5.81
C VAL A 196 2.15 7.70 -6.16
N ILE A 197 1.39 8.07 -7.19
CA ILE A 197 0.25 7.28 -7.65
C ILE A 197 0.59 5.82 -7.82
N LEU A 198 1.69 5.57 -8.51
CA LEU A 198 2.15 4.22 -8.81
C LEU A 198 3.14 3.66 -7.80
N GLY A 199 2.96 3.96 -6.52
CA GLY A 199 3.85 3.48 -5.47
C GLY A 199 5.26 3.25 -5.99
N MET A 200 6.10 4.28 -5.92
CA MET A 200 7.44 4.15 -6.48
C MET A 200 8.69 4.61 -5.73
N GLY A 201 8.56 5.43 -4.72
CA GLY A 201 9.79 5.89 -4.10
C GLY A 201 10.14 7.13 -4.90
N TYR A 202 10.12 8.26 -4.20
CA TYR A 202 10.34 9.56 -4.79
C TYR A 202 11.67 10.22 -4.46
N LYS A 203 12.06 11.17 -5.30
CA LYS A 203 13.27 11.95 -5.08
C LYS A 203 12.74 13.30 -4.62
N GLU A 204 13.60 14.32 -4.66
CA GLU A 204 13.19 15.65 -4.24
C GLU A 204 12.29 16.22 -5.32
N ASN A 205 12.63 15.95 -6.58
CA ASN A 205 11.89 16.46 -7.73
C ASN A 205 10.43 16.05 -7.80
N VAL A 206 9.98 15.27 -6.83
CA VAL A 206 8.59 14.84 -6.79
C VAL A 206 7.70 16.07 -6.53
N ASP A 207 8.31 17.17 -6.12
CA ASP A 207 7.57 18.39 -5.85
C ASP A 207 7.35 19.19 -7.14
N LEU A 208 8.35 19.21 -8.03
CA LEU A 208 8.20 19.95 -9.25
C LEU A 208 7.02 19.48 -10.08
N TRP A 209 6.50 18.29 -9.76
CA TRP A 209 5.34 17.82 -10.50
C TRP A 209 4.20 18.68 -10.05
N SER A 210 3.96 18.70 -8.73
CA SER A 210 2.89 19.50 -8.15
C SER A 210 3.04 20.94 -8.64
N VAL A 211 4.29 21.39 -8.75
CA VAL A 211 4.58 22.76 -9.21
C VAL A 211 4.06 22.97 -10.61
N GLY A 212 4.15 21.92 -11.44
CA GLY A 212 3.66 22.01 -12.80
C GLY A 212 2.14 22.02 -12.75
N CYS A 213 1.57 21.08 -12.00
CA CYS A 213 0.12 20.99 -11.86
C CYS A 213 -0.46 22.34 -11.45
N ILE A 214 0.31 23.12 -10.71
CA ILE A 214 -0.16 24.42 -10.24
C ILE A 214 -0.02 25.52 -11.27
N MET A 215 1.19 25.67 -11.79
CA MET A 215 1.47 26.68 -12.79
C MET A 215 0.54 26.44 -13.98
N GLY A 216 0.16 25.18 -14.17
CA GLY A 216 -0.74 24.84 -15.25
C GLY A 216 -2.14 25.29 -14.89
N GLU A 217 -2.43 25.25 -13.60
CA GLU A 217 -3.73 25.65 -13.10
C GLU A 217 -3.90 27.17 -13.20
N MET A 218 -2.81 27.92 -13.06
CA MET A 218 -2.87 29.38 -13.13
C MET A 218 -3.06 29.92 -14.54
N VAL A 219 -2.76 29.07 -15.52
CA VAL A 219 -2.91 29.44 -16.91
C VAL A 219 -4.26 28.94 -17.42
N CYS A 220 -4.52 27.65 -17.21
CA CYS A 220 -5.76 27.03 -17.64
C CYS A 220 -6.93 27.57 -16.84
N HIS A 221 -6.73 27.75 -15.55
CA HIS A 221 -7.77 28.26 -14.67
C HIS A 221 -8.70 27.15 -14.20
N LYS A 222 -8.29 25.91 -14.47
CA LYS A 222 -9.06 24.75 -14.04
C LYS A 222 -8.01 23.73 -13.63
N ILE A 223 -8.40 22.76 -12.81
CA ILE A 223 -7.46 21.75 -12.36
C ILE A 223 -6.89 21.05 -13.58
N LEU A 224 -5.57 20.94 -13.63
CA LEU A 224 -4.90 20.32 -14.76
C LEU A 224 -5.32 18.88 -15.01
N PHE A 225 -5.09 18.00 -14.04
CA PHE A 225 -5.47 16.60 -14.23
C PHE A 225 -6.56 16.21 -13.24
N PRO A 226 -7.84 16.30 -13.64
CA PRO A 226 -8.95 15.94 -12.76
C PRO A 226 -8.73 14.53 -12.23
N GLY A 227 -9.81 13.78 -12.06
CA GLY A 227 -9.58 12.46 -11.55
C GLY A 227 -10.64 12.19 -10.53
N ARG A 228 -11.62 11.40 -10.94
CA ARG A 228 -12.73 11.07 -10.11
C ARG A 228 -12.39 10.14 -8.96
N ASP A 229 -11.18 9.58 -8.97
CA ASP A 229 -10.76 8.69 -7.88
C ASP A 229 -9.26 8.42 -7.87
N TYR A 230 -8.77 7.83 -6.80
CA TYR A 230 -7.34 7.58 -6.71
C TYR A 230 -6.70 6.98 -7.93
N ILE A 231 -7.40 6.03 -8.55
CA ILE A 231 -6.93 5.34 -9.74
C ILE A 231 -7.23 6.07 -11.04
N ASP A 232 -8.33 6.81 -11.08
CA ASP A 232 -8.67 7.52 -12.30
C ASP A 232 -7.65 8.59 -12.53
N GLN A 233 -7.02 9.03 -11.46
CA GLN A 233 -6.01 10.06 -11.56
C GLN A 233 -5.05 9.70 -12.67
N TRP A 234 -4.41 8.54 -12.56
CA TRP A 234 -3.47 8.08 -13.56
C TRP A 234 -3.98 8.25 -14.98
N ASN A 235 -5.19 7.76 -15.25
CA ASN A 235 -5.77 7.86 -16.58
C ASN A 235 -5.89 9.28 -17.09
N LYS A 236 -6.03 10.24 -16.18
CA LYS A 236 -6.15 11.62 -16.60
C LYS A 236 -4.75 12.15 -16.97
N VAL A 237 -3.73 11.66 -16.28
CA VAL A 237 -2.37 12.07 -16.55
C VAL A 237 -1.96 11.60 -17.95
N ILE A 238 -2.08 10.29 -18.21
CA ILE A 238 -1.70 9.75 -19.53
C ILE A 238 -2.52 10.30 -20.68
N GLU A 239 -3.82 10.46 -20.50
CA GLU A 239 -4.60 11.00 -21.60
C GLU A 239 -4.05 12.36 -22.04
N GLN A 240 -3.44 13.09 -21.11
CA GLN A 240 -2.87 14.41 -21.44
C GLN A 240 -1.48 14.32 -22.01
N LEU A 241 -0.58 13.71 -21.25
CA LEU A 241 0.81 13.60 -21.63
C LEU A 241 1.17 12.32 -22.35
N GLY A 242 0.20 11.42 -22.50
CA GLY A 242 0.45 10.17 -23.19
C GLY A 242 1.13 9.12 -22.35
N THR A 243 0.90 7.86 -22.73
CA THR A 243 1.48 6.72 -22.03
C THR A 243 2.98 6.88 -21.92
N PRO A 244 3.55 6.55 -20.76
CA PRO A 244 4.99 6.65 -20.53
C PRO A 244 5.69 5.59 -21.37
N CYS A 245 6.99 5.74 -21.57
CA CYS A 245 7.72 4.78 -22.39
C CYS A 245 8.06 3.52 -21.59
N PRO A 246 8.54 2.47 -22.27
CA PRO A 246 8.91 1.19 -21.65
C PRO A 246 10.04 1.29 -20.63
N GLU A 247 10.92 2.27 -20.81
CA GLU A 247 12.00 2.47 -19.86
C GLU A 247 11.34 2.66 -18.49
N PHE A 248 10.37 3.57 -18.43
CA PHE A 248 9.65 3.87 -17.21
C PHE A 248 8.94 2.65 -16.65
N MET A 249 8.02 2.06 -17.42
CA MET A 249 7.28 0.87 -16.98
C MET A 249 8.14 -0.13 -16.24
N LYS A 250 9.34 -0.37 -16.77
CA LYS A 250 10.27 -1.32 -16.18
C LYS A 250 10.63 -0.99 -14.73
N LYS A 251 10.20 0.17 -14.24
CA LYS A 251 10.52 0.59 -12.88
C LYS A 251 9.42 0.36 -11.85
N LEU A 252 8.22 0.05 -12.32
CA LEU A 252 7.09 -0.17 -11.42
C LEU A 252 7.10 -1.53 -10.73
N GLN A 253 6.54 -1.60 -9.52
CA GLN A 253 6.48 -2.87 -8.81
C GLN A 253 5.85 -3.82 -9.80
N PRO A 254 6.05 -5.13 -9.65
CA PRO A 254 5.47 -6.10 -10.57
C PRO A 254 3.95 -5.93 -10.68
N THR A 255 3.31 -5.72 -9.54
CA THR A 255 1.86 -5.55 -9.49
C THR A 255 1.37 -4.34 -10.25
N VAL A 256 1.99 -3.19 -10.03
CA VAL A 256 1.59 -1.95 -10.70
C VAL A 256 1.91 -1.97 -12.20
N ARG A 257 3.13 -2.40 -12.53
CA ARG A 257 3.57 -2.48 -13.92
C ARG A 257 2.56 -3.13 -14.84
N THR A 258 2.02 -4.26 -14.40
CA THR A 258 1.04 -5.00 -15.20
C THR A 258 -0.20 -4.18 -15.52
N TYR A 259 -0.83 -3.62 -14.49
CA TYR A 259 -2.01 -2.81 -14.72
C TYR A 259 -1.65 -1.61 -15.59
N VAL A 260 -0.59 -0.89 -15.23
CA VAL A 260 -0.18 0.28 -16.01
C VAL A 260 0.01 -0.05 -17.47
N GLU A 261 0.33 -1.31 -17.77
CA GLU A 261 0.53 -1.70 -19.16
C GLU A 261 -0.72 -2.18 -19.87
N ASN A 262 -1.75 -2.52 -19.11
CA ASN A 262 -3.00 -2.96 -19.72
C ASN A 262 -3.96 -1.79 -19.92
N ARG A 263 -3.48 -0.55 -19.90
CA ARG A 263 -4.38 0.57 -20.11
C ARG A 263 -4.33 0.85 -21.59
N PRO A 264 -5.29 1.64 -22.10
CA PRO A 264 -5.25 1.95 -23.53
C PRO A 264 -4.06 2.87 -23.69
N LYS A 265 -3.47 2.89 -24.87
CA LYS A 265 -2.31 3.73 -25.11
C LYS A 265 -2.71 5.10 -25.63
N TYR A 266 -2.22 6.15 -24.99
CA TYR A 266 -2.53 7.51 -25.45
C TYR A 266 -1.21 8.16 -25.83
N ALA A 267 -1.20 8.90 -26.93
CA ALA A 267 0.03 9.57 -27.35
C ALA A 267 0.08 10.90 -26.63
N GLY A 268 -1.08 11.36 -26.19
CA GLY A 268 -1.18 12.61 -25.48
C GLY A 268 -1.27 13.74 -26.47
N TYR A 269 -1.14 14.98 -26.00
CA TYR A 269 -1.19 16.11 -26.89
C TYR A 269 0.02 17.00 -26.63
N SER A 270 0.36 17.81 -27.62
CA SER A 270 1.49 18.71 -27.51
C SER A 270 1.20 19.78 -26.49
N PHE A 271 2.24 20.27 -25.84
CA PHE A 271 2.04 21.31 -24.86
C PHE A 271 1.53 22.60 -25.49
N GLU A 272 1.70 22.73 -26.80
CA GLU A 272 1.20 23.92 -27.48
C GLU A 272 -0.32 23.73 -27.54
N LYS A 273 -0.75 22.47 -27.55
CA LYS A 273 -2.18 22.16 -27.60
C LYS A 273 -2.76 22.20 -26.20
N LEU A 274 -2.10 21.53 -25.26
CA LEU A 274 -2.58 21.52 -23.88
C LEU A 274 -2.66 22.97 -23.44
N PHE A 275 -1.66 23.74 -23.83
CA PHE A 275 -1.59 25.14 -23.43
C PHE A 275 -1.42 26.08 -24.62
N PRO A 276 -2.51 26.44 -25.29
CA PRO A 276 -2.32 27.35 -26.42
C PRO A 276 -1.84 28.72 -25.92
N ASP A 277 -1.23 29.51 -26.80
CA ASP A 277 -0.73 30.84 -26.43
C ASP A 277 -1.75 31.63 -25.63
N VAL A 278 -2.89 31.86 -26.28
CA VAL A 278 -4.01 32.62 -25.75
C VAL A 278 -4.32 32.52 -24.26
N LEU A 279 -3.94 31.42 -23.62
CA LEU A 279 -4.22 31.28 -22.19
C LEU A 279 -3.13 31.97 -21.37
N PHE A 280 -1.92 32.03 -21.92
CA PHE A 280 -0.80 32.67 -21.25
C PHE A 280 -0.96 34.18 -21.36
N PRO A 281 -0.34 34.93 -20.44
CA PRO A 281 -0.42 36.40 -20.44
C PRO A 281 -0.01 36.93 -21.81
N ALA A 282 -0.15 38.23 -22.01
CA ALA A 282 0.21 38.82 -23.29
C ALA A 282 1.72 38.89 -23.48
N ASP A 283 2.23 38.19 -24.48
CA ASP A 283 3.66 38.22 -24.74
C ASP A 283 3.95 39.67 -25.11
N SER A 284 5.05 40.20 -24.61
CA SER A 284 5.42 41.56 -24.91
C SER A 284 6.20 41.55 -26.23
N GLU A 285 7.50 41.75 -26.12
CA GLU A 285 8.40 41.73 -27.25
C GLU A 285 9.68 41.18 -26.66
N HIS A 286 9.69 41.06 -25.33
CA HIS A 286 10.85 40.55 -24.62
C HIS A 286 10.86 39.03 -24.61
N ASN A 287 12.05 38.47 -24.84
CA ASN A 287 12.28 37.04 -24.90
C ASN A 287 12.08 36.21 -23.63
N LYS A 288 12.77 36.58 -22.56
CA LYS A 288 12.65 35.83 -21.31
C LYS A 288 11.21 35.60 -20.86
N LEU A 289 10.39 36.66 -20.83
CA LEU A 289 9.01 36.52 -20.38
C LEU A 289 7.98 36.33 -21.50
N LYS A 290 8.07 35.20 -22.19
CA LYS A 290 7.17 34.88 -23.30
C LYS A 290 6.40 33.58 -23.03
N ALA A 291 5.27 33.40 -23.69
CA ALA A 291 4.45 32.21 -23.53
C ALA A 291 5.23 30.96 -23.86
N SER A 292 6.11 31.10 -24.84
CA SER A 292 6.98 30.02 -25.31
C SER A 292 7.78 29.48 -24.14
N GLN A 293 8.35 30.40 -23.38
CA GLN A 293 9.17 30.05 -22.23
C GLN A 293 8.36 29.44 -21.09
N ALA A 294 7.27 30.12 -20.72
CA ALA A 294 6.42 29.63 -19.65
C ALA A 294 5.97 28.23 -20.02
N ARG A 295 5.57 28.06 -21.27
CA ARG A 295 5.13 26.76 -21.74
C ARG A 295 6.30 25.77 -21.65
N ASP A 296 7.48 26.19 -22.08
CA ASP A 296 8.65 25.33 -22.02
C ASP A 296 8.95 24.83 -20.60
N LEU A 297 8.93 25.75 -19.63
CA LEU A 297 9.18 25.34 -18.26
C LEU A 297 8.12 24.29 -17.85
N LEU A 298 6.86 24.53 -18.24
CA LEU A 298 5.77 23.60 -17.92
C LEU A 298 6.09 22.20 -18.40
N SER A 299 6.39 22.09 -19.69
CA SER A 299 6.70 20.81 -20.30
C SER A 299 7.89 20.10 -19.68
N LYS A 300 8.65 20.79 -18.84
CA LYS A 300 9.81 20.17 -18.20
C LYS A 300 9.50 19.76 -16.77
N MET A 301 8.33 20.16 -16.28
CA MET A 301 7.89 19.83 -14.92
C MET A 301 6.85 18.72 -15.02
N LEU A 302 5.92 18.88 -15.96
CA LEU A 302 4.87 17.92 -16.22
C LEU A 302 5.44 16.77 -17.02
N VAL A 303 6.28 15.99 -16.35
CA VAL A 303 6.95 14.87 -16.96
C VAL A 303 6.84 13.68 -16.02
N ILE A 304 6.31 12.58 -16.53
CA ILE A 304 6.12 11.38 -15.73
C ILE A 304 7.39 10.81 -15.12
N ASP A 305 8.38 10.56 -15.97
CA ASP A 305 9.65 10.00 -15.51
C ASP A 305 10.39 11.01 -14.66
N ALA A 306 10.39 10.82 -13.35
CA ALA A 306 11.09 11.74 -12.46
C ALA A 306 12.53 11.96 -12.92
N SER A 307 13.19 10.87 -13.29
CA SER A 307 14.58 10.92 -13.73
C SER A 307 14.79 11.75 -15.00
N LYS A 308 13.72 12.30 -15.54
CA LYS A 308 13.83 13.11 -16.75
C LYS A 308 13.13 14.44 -16.50
N ARG A 309 12.60 14.56 -15.28
CA ARG A 309 11.88 15.76 -14.85
C ARG A 309 12.82 16.78 -14.24
N ILE A 310 12.63 18.04 -14.59
CA ILE A 310 13.44 19.14 -14.07
C ILE A 310 13.64 19.08 -12.53
N SER A 311 14.46 19.96 -12.00
CA SER A 311 14.70 20.04 -10.55
C SER A 311 14.60 21.52 -10.23
N VAL A 312 14.57 21.89 -8.95
CA VAL A 312 14.47 23.30 -8.64
C VAL A 312 15.68 24.06 -9.18
N ASP A 313 16.86 23.49 -8.99
CA ASP A 313 18.11 24.08 -9.46
C ASP A 313 17.92 24.74 -10.83
N GLU A 314 17.33 23.97 -11.74
CA GLU A 314 17.08 24.38 -13.10
C GLU A 314 15.86 25.23 -13.30
N ALA A 315 14.85 25.06 -12.44
CA ALA A 315 13.65 25.87 -12.56
C ALA A 315 14.06 27.32 -12.29
N LEU A 316 14.83 27.50 -11.23
CA LEU A 316 15.32 28.81 -10.84
C LEU A 316 16.26 29.38 -11.90
N GLN A 317 16.86 28.51 -12.70
CA GLN A 317 17.76 28.95 -13.74
C GLN A 317 17.09 29.10 -15.09
N HIS A 318 15.84 28.68 -15.20
CA HIS A 318 15.13 28.78 -16.48
C HIS A 318 14.76 30.19 -16.92
N PRO A 319 14.89 30.45 -18.21
CA PRO A 319 14.59 31.74 -18.84
C PRO A 319 13.31 32.44 -18.41
N TYR A 320 12.36 31.72 -17.85
CA TYR A 320 11.10 32.36 -17.49
C TYR A 320 11.04 32.80 -16.04
N ILE A 321 11.67 32.03 -15.18
CA ILE A 321 11.69 32.31 -13.75
C ILE A 321 13.00 32.97 -13.35
N ASN A 322 14.01 32.74 -14.17
CA ASN A 322 15.35 33.26 -13.92
C ASN A 322 15.57 34.77 -13.93
N VAL A 323 14.67 35.54 -14.54
CA VAL A 323 14.87 36.98 -14.55
C VAL A 323 14.40 37.65 -13.26
N TRP A 324 14.86 37.10 -12.14
CA TRP A 324 14.57 37.59 -10.78
C TRP A 324 15.63 36.94 -9.92
N TYR A 325 16.34 35.98 -10.50
CA TYR A 325 17.36 35.21 -9.82
C TYR A 325 18.25 36.07 -8.95
N ASP A 326 18.46 35.60 -7.74
CA ASP A 326 19.28 36.30 -6.76
C ASP A 326 19.88 35.26 -5.83
N PRO A 327 21.20 35.03 -5.95
CA PRO A 327 21.96 34.08 -5.16
C PRO A 327 21.47 33.89 -3.73
N SER A 328 21.20 34.98 -3.03
CA SER A 328 20.73 34.87 -1.65
C SER A 328 19.46 34.00 -1.60
N GLU A 329 18.35 34.55 -2.08
CA GLU A 329 17.07 33.87 -2.11
C GLU A 329 17.16 32.50 -2.77
N ALA A 330 17.80 32.47 -3.93
CA ALA A 330 17.98 31.23 -4.69
C ALA A 330 18.74 30.16 -3.92
N GLU A 331 20.01 30.44 -3.58
CA GLU A 331 20.83 29.48 -2.86
C GLU A 331 21.16 29.87 -1.42
N ALA A 332 20.12 30.21 -0.66
CA ALA A 332 20.27 30.60 0.75
C ALA A 332 21.02 29.54 1.55
N PRO A 333 21.03 29.65 2.89
CA PRO A 333 21.74 28.63 3.65
C PRO A 333 20.85 27.43 3.94
N PRO A 334 21.32 26.23 3.59
CA PRO A 334 20.51 25.04 3.84
C PRO A 334 20.21 24.96 5.33
N PRO A 335 18.91 24.84 5.70
CA PRO A 335 18.53 24.76 7.10
C PRO A 335 19.19 23.55 7.75
N LYS A 336 19.06 23.41 9.06
CA LYS A 336 19.67 22.27 9.72
C LYS A 336 18.87 21.75 10.89
N ILE A 337 18.24 20.60 10.67
CA ILE A 337 17.45 19.97 11.70
C ILE A 337 18.49 19.29 12.60
N PRO A 338 18.16 19.10 13.88
CA PRO A 338 19.09 18.45 14.81
C PRO A 338 19.48 17.03 14.37
N ASP A 339 18.52 16.09 14.44
CA ASP A 339 18.73 14.70 14.04
C ASP A 339 17.55 13.83 14.51
N LYS A 340 16.58 14.51 15.10
CA LYS A 340 15.36 13.90 15.60
C LYS A 340 14.55 13.55 14.36
N GLN A 341 14.47 14.52 13.45
CA GLN A 341 13.78 14.33 12.20
C GLN A 341 14.53 13.25 11.45
N LEU A 342 13.80 12.32 10.85
CA LEU A 342 14.40 11.23 10.11
C LEU A 342 13.48 10.82 8.96
N ASP A 343 12.89 9.63 9.03
CA ASP A 343 11.98 9.20 7.98
C ASP A 343 11.14 7.98 8.38
N GLU A 344 11.64 7.22 9.35
CA GLU A 344 10.96 6.02 9.82
C GLU A 344 10.62 6.05 11.30
N ARG A 345 11.65 6.13 12.14
CA ARG A 345 11.53 6.17 13.59
C ARG A 345 10.08 6.11 14.08
N GLU A 346 9.67 4.97 14.63
CA GLU A 346 8.31 4.79 15.13
C GLU A 346 8.30 4.69 16.64
N HIS A 347 7.26 5.25 17.25
CA HIS A 347 7.13 5.24 18.70
C HIS A 347 5.72 4.86 19.12
N THR A 348 5.46 4.87 20.42
CA THR A 348 4.15 4.53 20.91
C THR A 348 3.28 5.77 20.78
N ILE A 349 2.02 5.67 21.16
CA ILE A 349 1.12 6.81 21.10
C ILE A 349 1.55 7.78 22.21
N GLU A 350 1.96 7.20 23.34
CA GLU A 350 2.42 7.96 24.50
C GLU A 350 3.82 8.49 24.26
N GLU A 351 4.71 7.57 23.91
CA GLU A 351 6.10 7.89 23.63
C GLU A 351 6.19 9.08 22.69
N TRP A 352 5.40 9.07 21.63
CA TRP A 352 5.37 10.16 20.67
C TRP A 352 4.93 11.40 21.43
N LYS A 353 3.78 11.29 22.09
CA LYS A 353 3.22 12.39 22.88
C LYS A 353 4.29 13.00 23.78
N GLU A 354 5.20 12.15 24.23
CA GLU A 354 6.30 12.58 25.09
C GLU A 354 7.13 13.66 24.41
N LEU A 355 7.68 13.32 23.24
CA LEU A 355 8.53 14.21 22.45
C LEU A 355 7.84 15.51 22.06
N ILE A 356 6.55 15.42 21.77
CA ILE A 356 5.75 16.57 21.37
C ILE A 356 5.73 17.62 22.48
N TYR A 357 5.42 17.16 23.70
CA TYR A 357 5.36 18.04 24.85
C TYR A 357 6.72 18.71 25.05
N LYS A 358 7.75 17.92 25.31
CA LYS A 358 9.10 18.45 25.51
C LYS A 358 9.55 19.26 24.32
N GLU A 359 8.66 19.39 23.34
CA GLU A 359 8.92 20.15 22.13
C GLU A 359 8.07 21.40 22.21
N VAL A 360 6.78 21.21 22.46
CA VAL A 360 5.84 22.33 22.57
C VAL A 360 6.38 23.26 23.65
N MET A 361 7.10 22.66 24.60
CA MET A 361 7.67 23.37 25.72
C MET A 361 8.76 24.35 25.35
N ASP A 362 9.97 23.83 25.12
CA ASP A 362 11.10 24.67 24.75
C ASP A 362 10.84 25.37 23.43
N LEU A 363 9.57 25.42 23.04
CA LEU A 363 9.13 26.07 21.82
C LEU A 363 8.02 27.05 22.16
N GLU A 364 7.60 27.06 23.42
CA GLU A 364 6.53 27.95 23.87
C GLU A 364 6.91 29.42 23.63
N HIS A 365 6.02 30.29 23.77
N PRO B 2 13.40 45.23 -16.04
CA PRO B 2 12.58 44.09 -15.55
C PRO B 2 12.66 44.06 -14.03
N LYS B 3 11.73 44.72 -13.36
CA LYS B 3 11.76 44.74 -11.90
C LYS B 3 10.53 44.09 -11.28
N ARG B 4 10.75 43.51 -10.10
CA ARG B 4 9.71 42.81 -9.37
C ARG B 4 8.49 43.67 -9.06
N PRO B 5 7.29 43.11 -9.30
CA PRO B 5 5.99 43.74 -9.07
C PRO B 5 5.87 44.04 -7.59
N THR B 6 4.97 44.96 -7.24
CA THR B 6 4.82 45.30 -5.84
C THR B 6 3.35 45.27 -5.44
N THR B 7 2.49 45.24 -6.45
CA THR B 7 1.06 45.21 -6.21
C THR B 7 0.47 43.91 -6.73
N LEU B 8 -0.70 43.54 -6.22
CA LEU B 8 -1.41 42.33 -6.62
C LEU B 8 -2.86 42.50 -6.15
N ASN B 9 -3.74 42.91 -7.06
CA ASN B 9 -5.14 43.13 -6.73
C ASN B 9 -5.85 41.84 -6.34
N LEU B 10 -5.70 41.42 -5.09
CA LEU B 10 -6.35 40.20 -4.61
C LEU B 10 -7.85 40.38 -4.42
N PHE B 11 -8.44 41.20 -5.27
CA PHE B 11 -9.87 41.47 -5.24
C PHE B 11 -10.42 41.32 -6.65
N ASP C 7 33.87 -31.51 0.62
CA ASP C 7 33.37 -32.89 0.37
C ASP C 7 32.74 -33.47 1.64
N ASN C 8 32.13 -32.62 2.46
CA ASN C 8 31.51 -33.08 3.71
C ASN C 8 30.35 -34.05 3.48
N ASN C 9 29.17 -33.70 3.96
CA ASN C 9 28.00 -34.57 3.83
C ASN C 9 27.09 -34.16 2.69
N PHE C 10 27.42 -33.06 2.04
CA PHE C 10 26.60 -32.54 0.96
C PHE C 10 27.12 -32.85 -0.43
N TYR C 11 26.63 -32.05 -1.39
CA TYR C 11 27.02 -32.16 -2.79
C TYR C 11 26.08 -31.33 -3.63
N SER C 12 26.62 -30.78 -4.71
CA SER C 12 25.85 -29.93 -5.59
C SER C 12 25.25 -30.67 -6.80
N VAL C 13 24.04 -30.25 -7.18
CA VAL C 13 23.32 -30.83 -8.32
C VAL C 13 22.51 -29.77 -9.06
N GLU C 14 23.14 -29.13 -10.04
CA GLU C 14 22.48 -28.09 -10.83
C GLU C 14 21.01 -28.42 -11.15
N ILE C 15 20.10 -27.66 -10.55
CA ILE C 15 18.68 -27.84 -10.81
C ILE C 15 18.35 -26.72 -11.78
N GLY C 16 18.56 -26.99 -13.07
CA GLY C 16 18.30 -26.00 -14.08
C GLY C 16 18.87 -24.64 -13.70
N ASP C 17 17.97 -23.68 -13.53
CA ASP C 17 18.30 -22.31 -13.17
C ASP C 17 19.52 -22.20 -12.23
N SER C 18 19.27 -22.33 -10.94
CA SER C 18 20.34 -22.24 -9.94
C SER C 18 21.04 -23.56 -9.73
N THR C 19 21.34 -23.83 -8.46
CA THR C 19 22.02 -25.05 -8.09
C THR C 19 21.69 -25.42 -6.65
N PHE C 20 21.47 -26.70 -6.40
CA PHE C 20 21.19 -27.16 -5.05
C PHE C 20 22.50 -27.63 -4.46
N THR C 21 22.44 -28.09 -3.22
CA THR C 21 23.58 -28.62 -2.50
C THR C 21 22.90 -29.19 -1.29
N VAL C 22 22.74 -30.51 -1.30
CA VAL C 22 22.03 -31.18 -0.23
C VAL C 22 22.83 -32.30 0.41
N LEU C 23 22.40 -32.71 1.60
CA LEU C 23 23.03 -33.80 2.31
C LEU C 23 22.88 -34.98 1.37
N LYS C 24 23.87 -35.87 1.38
CA LYS C 24 23.86 -37.00 0.49
C LYS C 24 22.64 -37.92 0.60
N ARG C 25 22.12 -38.11 1.81
CA ARG C 25 20.94 -38.97 2.01
C ARG C 25 19.78 -38.68 1.05
N TYR C 26 19.94 -37.62 0.26
CA TYR C 26 18.92 -37.23 -0.70
C TYR C 26 19.53 -37.30 -2.10
N GLN C 27 19.04 -38.23 -2.93
CA GLN C 27 19.56 -38.36 -4.29
C GLN C 27 18.40 -38.36 -5.30
N ASN C 28 18.75 -38.14 -6.58
CA ASN C 28 17.78 -38.11 -7.68
C ASN C 28 17.02 -36.78 -7.73
N LEU C 29 17.67 -35.70 -7.30
CA LEU C 29 17.04 -34.37 -7.28
C LEU C 29 16.47 -33.91 -8.62
N LYS C 30 15.15 -34.00 -8.77
CA LYS C 30 14.47 -33.56 -9.98
C LYS C 30 13.48 -32.45 -9.60
N PRO C 31 13.64 -31.25 -10.18
CA PRO C 31 12.74 -30.14 -9.86
C PRO C 31 11.30 -30.41 -10.24
N ILE C 32 10.42 -30.40 -9.24
CA ILE C 32 9.00 -30.62 -9.46
C ILE C 32 8.21 -29.33 -9.40
N GLY C 33 8.86 -28.25 -8.98
CA GLY C 33 8.20 -26.97 -8.88
C GLY C 33 9.21 -25.84 -8.88
N SER C 34 8.74 -24.63 -9.17
CA SER C 34 9.61 -23.47 -9.22
C SER C 34 8.79 -22.21 -9.01
N GLY C 35 8.12 -22.13 -7.86
CA GLY C 35 7.29 -20.97 -7.55
C GLY C 35 8.03 -19.76 -7.03
N ALA C 36 7.29 -18.66 -6.84
CA ALA C 36 7.88 -17.41 -6.37
C ALA C 36 8.59 -17.51 -5.02
N GLN C 37 8.18 -18.46 -4.18
CA GLN C 37 8.77 -18.62 -2.85
C GLN C 37 9.80 -19.76 -2.73
N GLY C 38 10.47 -20.10 -3.83
CA GLY C 38 11.47 -21.15 -3.80
C GLY C 38 11.45 -22.11 -4.98
N ILE C 39 12.14 -23.24 -4.82
CA ILE C 39 12.20 -24.29 -5.83
C ILE C 39 12.07 -25.63 -5.11
N VAL C 40 11.25 -26.52 -5.63
CA VAL C 40 11.07 -27.81 -4.98
C VAL C 40 11.52 -28.99 -5.84
N CYS C 41 12.23 -29.93 -5.21
CA CYS C 41 12.70 -31.11 -5.89
C CYS C 41 12.11 -32.38 -5.31
N ALA C 42 11.91 -33.37 -6.19
CA ALA C 42 11.40 -34.66 -5.75
C ALA C 42 12.69 -35.37 -5.43
N ALA C 43 12.67 -36.31 -4.50
CA ALA C 43 13.92 -36.99 -4.18
C ALA C 43 13.78 -38.21 -3.28
N TYR C 44 14.69 -39.15 -3.50
CA TYR C 44 14.74 -40.38 -2.73
C TYR C 44 15.70 -40.14 -1.57
N ASP C 45 15.22 -40.34 -0.35
CA ASP C 45 16.04 -40.18 0.85
C ASP C 45 16.52 -41.56 1.26
N ALA C 46 17.74 -41.89 0.85
CA ALA C 46 18.34 -43.18 1.14
C ALA C 46 18.10 -43.65 2.57
N ILE C 47 18.21 -42.72 3.52
CA ILE C 47 18.03 -43.06 4.93
C ILE C 47 16.63 -43.49 5.36
N LEU C 48 15.64 -42.63 5.18
CA LEU C 48 14.30 -43.02 5.55
C LEU C 48 13.81 -44.05 4.54
N GLU C 49 14.43 -44.01 3.36
CA GLU C 49 14.06 -44.89 2.26
C GLU C 49 12.62 -44.61 1.88
N ARG C 50 12.37 -43.35 1.59
CA ARG C 50 11.06 -42.84 1.19
C ARG C 50 11.30 -41.74 0.18
N ASN C 51 10.29 -41.40 -0.61
CA ASN C 51 10.44 -40.31 -1.57
C ASN C 51 10.09 -39.02 -0.85
N VAL C 52 10.87 -37.98 -1.07
CA VAL C 52 10.64 -36.71 -0.39
C VAL C 52 10.66 -35.45 -1.23
N ALA C 53 10.24 -34.36 -0.60
CA ALA C 53 10.20 -33.05 -1.23
C ALA C 53 11.27 -32.19 -0.58
N ILE C 54 11.98 -31.39 -1.40
CA ILE C 54 13.05 -30.53 -0.92
C ILE C 54 12.89 -29.12 -1.44
N LYS C 55 12.56 -28.19 -0.55
CA LYS C 55 12.37 -26.80 -0.91
C LYS C 55 13.60 -26.00 -0.52
N LYS C 56 14.09 -25.18 -1.44
CA LYS C 56 15.27 -24.37 -1.17
C LYS C 56 14.87 -22.90 -1.19
N LEU C 57 14.54 -22.37 -0.02
CA LEU C 57 14.13 -20.97 0.11
C LEU C 57 14.98 -20.04 -0.75
N SER C 58 14.31 -19.14 -1.48
CA SER C 58 14.99 -18.19 -2.35
C SER C 58 15.03 -16.77 -1.76
N ARG C 59 16.23 -16.26 -1.49
CA ARG C 59 16.40 -14.92 -0.92
C ARG C 59 15.78 -14.86 0.46
N PRO C 60 16.10 -15.83 1.33
CA PRO C 60 15.52 -15.84 2.67
C PRO C 60 15.79 -14.54 3.44
N PHE C 61 16.95 -13.95 3.20
CA PHE C 61 17.33 -12.73 3.88
C PHE C 61 17.34 -11.50 3.02
N GLN C 62 16.98 -11.67 1.76
CA GLN C 62 16.94 -10.54 0.84
C GLN C 62 16.49 -9.28 1.57
N ASN C 63 15.44 -9.41 2.37
CA ASN C 63 14.93 -8.27 3.14
C ASN C 63 14.05 -8.73 4.30
N GLN C 64 13.57 -7.75 5.06
CA GLN C 64 12.74 -8.02 6.23
C GLN C 64 11.53 -8.89 5.92
N THR C 65 10.70 -8.45 4.99
CA THR C 65 9.50 -9.17 4.59
C THR C 65 9.80 -10.64 4.32
N HIS C 66 10.91 -10.89 3.61
CA HIS C 66 11.34 -12.25 3.27
C HIS C 66 11.67 -13.08 4.49
N ALA C 67 12.62 -12.59 5.28
CA ALA C 67 13.05 -13.28 6.49
C ALA C 67 11.84 -13.57 7.37
N LYS C 68 10.91 -12.62 7.41
CA LYS C 68 9.71 -12.76 8.20
C LYS C 68 9.03 -14.08 7.86
N ARG C 69 8.52 -14.17 6.64
CA ARG C 69 7.82 -15.37 6.16
C ARG C 69 8.70 -16.62 6.16
N ALA C 70 9.94 -16.48 5.71
CA ALA C 70 10.87 -17.60 5.70
C ALA C 70 10.89 -18.20 7.09
N TYR C 71 10.82 -17.33 8.09
CA TYR C 71 10.83 -17.74 9.49
C TYR C 71 9.49 -18.36 9.86
N ARG C 72 8.42 -17.61 9.65
CA ARG C 72 7.09 -18.10 10.01
C ARG C 72 6.88 -19.53 9.54
N GLU C 73 7.06 -19.74 8.25
CA GLU C 73 6.92 -21.07 7.69
C GLU C 73 7.82 -22.02 8.49
N LEU C 74 9.09 -21.66 8.62
CA LEU C 74 10.05 -22.48 9.37
C LEU C 74 9.35 -22.97 10.63
N VAL C 75 8.90 -22.02 11.45
CA VAL C 75 8.21 -22.29 12.71
C VAL C 75 7.00 -23.18 12.57
N LEU C 76 6.03 -22.70 11.80
CA LEU C 76 4.78 -23.43 11.58
C LEU C 76 4.97 -24.85 11.06
N MET C 77 5.96 -25.03 10.19
CA MET C 77 6.21 -26.37 9.67
C MET C 77 6.43 -27.32 10.83
N LYS C 78 7.02 -26.81 11.90
CA LYS C 78 7.30 -27.59 13.09
C LYS C 78 6.08 -27.74 14.00
N CYS C 79 5.51 -26.60 14.39
CA CYS C 79 4.35 -26.58 15.28
C CYS C 79 3.16 -27.35 14.75
N VAL C 80 2.90 -27.24 13.45
CA VAL C 80 1.78 -27.93 12.84
C VAL C 80 2.09 -29.40 12.53
N ASN C 81 1.10 -30.25 12.74
CA ASN C 81 1.27 -31.67 12.49
C ASN C 81 -0.11 -32.27 12.27
N HIS C 82 -0.49 -32.37 11.01
CA HIS C 82 -1.79 -32.93 10.65
C HIS C 82 -1.66 -33.72 9.36
N LYS C 83 -2.50 -34.74 9.25
CA LYS C 83 -2.57 -35.63 8.11
C LYS C 83 -2.93 -34.85 6.86
N ASN C 84 -3.90 -33.96 6.98
CA ASN C 84 -4.34 -33.17 5.85
C ASN C 84 -3.48 -31.94 5.61
N ILE C 85 -2.29 -31.92 6.18
CA ILE C 85 -1.33 -30.80 6.03
C ILE C 85 0.03 -31.39 5.71
N ILE C 86 0.66 -30.92 4.64
CA ILE C 86 1.97 -31.44 4.28
C ILE C 86 2.78 -31.63 5.56
N GLY C 87 3.70 -32.58 5.57
CA GLY C 87 4.48 -32.84 6.77
C GLY C 87 5.97 -32.54 6.70
N LEU C 88 6.50 -32.03 7.81
CA LEU C 88 7.91 -31.69 7.90
C LEU C 88 8.71 -32.92 8.21
N LEU C 89 9.83 -33.09 7.52
CA LEU C 89 10.67 -34.25 7.73
C LEU C 89 12.02 -33.82 8.23
N ASN C 90 12.54 -32.74 7.66
CA ASN C 90 13.85 -32.23 8.07
C ASN C 90 14.16 -30.87 7.45
N VAL C 91 15.24 -30.25 7.92
CA VAL C 91 15.68 -28.94 7.43
C VAL C 91 17.21 -28.89 7.56
N PHE C 92 17.88 -28.10 6.73
CA PHE C 92 19.34 -28.03 6.82
C PHE C 92 19.96 -26.90 6.02
N THR C 93 21.16 -26.49 6.44
CA THR C 93 21.87 -25.42 5.75
C THR C 93 23.26 -25.96 5.44
N PRO C 94 23.83 -25.61 4.28
CA PRO C 94 25.16 -26.05 3.89
C PRO C 94 26.27 -25.11 4.35
N GLN C 95 26.03 -24.44 5.47
CA GLN C 95 27.01 -23.51 6.04
C GLN C 95 27.27 -23.81 7.52
N LYS C 96 28.55 -23.94 7.87
CA LYS C 96 28.94 -24.27 9.24
C LYS C 96 29.02 -23.10 10.20
N SER C 97 28.39 -21.97 9.89
CA SER C 97 28.45 -20.84 10.81
C SER C 97 27.25 -19.91 10.74
N LEU C 98 27.25 -18.91 11.61
CA LEU C 98 26.17 -17.94 11.67
C LEU C 98 26.32 -16.83 10.63
N GLU C 99 27.50 -16.76 10.00
CA GLU C 99 27.78 -15.77 8.96
C GLU C 99 27.75 -16.49 7.62
N GLU C 100 28.39 -17.66 7.60
CA GLU C 100 28.46 -18.50 6.40
C GLU C 100 27.03 -18.69 5.92
N PHE C 101 26.13 -18.87 6.88
CA PHE C 101 24.70 -19.09 6.65
C PHE C 101 24.16 -18.53 5.35
N GLN C 102 24.16 -19.36 4.33
CA GLN C 102 23.69 -18.97 3.00
C GLN C 102 22.18 -19.11 2.92
N ASP C 103 21.70 -20.32 2.63
CA ASP C 103 20.27 -20.53 2.50
C ASP C 103 19.72 -21.70 3.31
N VAL C 104 18.39 -21.81 3.31
CA VAL C 104 17.70 -22.84 4.04
C VAL C 104 17.13 -23.88 3.11
N TYR C 105 17.05 -25.11 3.62
CA TYR C 105 16.48 -26.23 2.90
C TYR C 105 15.49 -26.91 3.82
N ILE C 106 14.33 -27.24 3.28
CA ILE C 106 13.30 -27.90 4.07
C ILE C 106 12.95 -29.19 3.35
N VAL C 107 12.87 -30.27 4.10
CA VAL C 107 12.53 -31.56 3.52
C VAL C 107 11.18 -32.02 4.02
N MET C 108 10.19 -31.92 3.14
CA MET C 108 8.83 -32.32 3.46
C MET C 108 8.51 -33.61 2.73
N GLU C 109 7.52 -34.34 3.22
CA GLU C 109 7.15 -35.58 2.57
C GLU C 109 6.67 -35.22 1.16
N LEU C 110 6.63 -36.19 0.27
CA LEU C 110 6.22 -35.96 -1.11
C LEU C 110 4.93 -36.70 -1.45
N MET C 111 4.12 -36.08 -2.31
CA MET C 111 2.87 -36.66 -2.74
C MET C 111 2.90 -36.90 -4.24
N ASP C 112 1.74 -37.18 -4.83
CA ASP C 112 1.68 -37.45 -6.27
C ASP C 112 1.68 -36.23 -7.18
N ALA C 113 0.72 -35.32 -7.01
CA ALA C 113 0.65 -34.13 -7.87
C ALA C 113 -0.03 -32.92 -7.26
N ASN C 114 -0.26 -31.90 -8.10
CA ASN C 114 -0.95 -30.67 -7.72
C ASN C 114 -2.41 -31.00 -7.67
N LEU C 115 -3.22 -29.95 -7.74
CA LEU C 115 -4.66 -30.10 -7.74
C LEU C 115 -5.10 -29.70 -9.13
N CYS C 116 -4.21 -29.01 -9.83
CA CYS C 116 -4.49 -28.57 -11.18
C CYS C 116 -4.83 -29.82 -11.96
N GLN C 117 -4.02 -30.84 -11.71
CA GLN C 117 -4.17 -32.13 -12.33
C GLN C 117 -5.62 -32.58 -12.17
N VAL C 118 -6.14 -32.48 -10.95
CA VAL C 118 -7.50 -32.91 -10.65
C VAL C 118 -8.57 -32.00 -11.24
N ILE C 119 -8.24 -30.72 -11.40
CA ILE C 119 -9.20 -29.81 -11.99
C ILE C 119 -9.21 -30.15 -13.49
N GLN C 120 -8.33 -31.05 -13.90
CA GLN C 120 -8.22 -31.46 -15.29
C GLN C 120 -8.78 -32.84 -15.57
N MET C 121 -9.78 -33.22 -14.80
CA MET C 121 -10.45 -34.49 -14.96
C MET C 121 -11.82 -34.36 -14.31
N GLU C 122 -12.77 -35.18 -14.75
CA GLU C 122 -14.11 -35.12 -14.19
C GLU C 122 -14.28 -36.10 -13.05
N LEU C 123 -14.54 -35.58 -11.86
CA LEU C 123 -14.72 -36.39 -10.67
C LEU C 123 -16.20 -36.64 -10.37
N ASP C 124 -16.47 -37.50 -9.41
CA ASP C 124 -17.83 -37.81 -9.01
C ASP C 124 -18.08 -37.09 -7.69
N HIS C 125 -19.34 -36.80 -7.39
CA HIS C 125 -19.67 -36.12 -6.16
C HIS C 125 -18.90 -36.60 -4.95
N GLU C 126 -18.90 -37.91 -4.73
CA GLU C 126 -18.19 -38.47 -3.59
C GLU C 126 -16.74 -38.01 -3.53
N ARG C 127 -16.00 -38.21 -4.60
CA ARG C 127 -14.60 -37.82 -4.63
C ARG C 127 -14.40 -36.31 -4.41
N MET C 128 -15.11 -35.49 -5.17
CA MET C 128 -15.00 -34.04 -5.02
C MET C 128 -15.24 -33.76 -3.55
N SER C 129 -16.41 -34.17 -3.10
CA SER C 129 -16.78 -33.99 -1.72
C SER C 129 -15.66 -34.35 -0.75
N TYR C 130 -15.22 -35.60 -0.79
CA TYR C 130 -14.17 -36.06 0.10
C TYR C 130 -12.94 -35.18 0.02
N LEU C 131 -12.61 -34.74 -1.19
CA LEU C 131 -11.46 -33.88 -1.36
C LEU C 131 -11.67 -32.52 -0.70
N LEU C 132 -12.87 -31.95 -0.83
CA LEU C 132 -13.13 -30.67 -0.20
C LEU C 132 -13.11 -30.84 1.33
N TYR C 133 -13.62 -31.98 1.79
CA TYR C 133 -13.66 -32.29 3.22
C TYR C 133 -12.26 -32.29 3.82
N GLN C 134 -11.34 -32.97 3.15
CA GLN C 134 -9.97 -33.02 3.63
C GLN C 134 -9.40 -31.61 3.57
N MET C 135 -9.57 -30.95 2.42
CA MET C 135 -9.07 -29.60 2.25
C MET C 135 -9.52 -28.75 3.44
N LEU C 136 -10.81 -28.83 3.75
CA LEU C 136 -11.39 -28.08 4.87
C LEU C 136 -10.84 -28.54 6.23
N CYS C 137 -10.66 -29.84 6.41
CA CYS C 137 -10.13 -30.36 7.66
C CYS C 137 -8.73 -29.85 7.90
N GLY C 138 -8.00 -29.67 6.81
CA GLY C 138 -6.63 -29.18 6.90
C GLY C 138 -6.64 -27.74 7.33
N ILE C 139 -7.55 -26.97 6.75
CA ILE C 139 -7.69 -25.56 7.09
C ILE C 139 -8.17 -25.42 8.51
N LYS C 140 -9.33 -26.00 8.79
CA LYS C 140 -9.92 -25.97 10.12
C LYS C 140 -8.86 -26.16 11.22
N HIS C 141 -7.74 -26.78 10.87
CA HIS C 141 -6.67 -27.03 11.83
C HIS C 141 -5.80 -25.81 12.04
N LEU C 142 -5.31 -25.23 10.95
CA LEU C 142 -4.47 -24.05 11.06
C LEU C 142 -5.27 -22.94 11.70
N HIS C 143 -6.56 -22.90 11.40
CA HIS C 143 -7.42 -21.88 11.97
C HIS C 143 -7.55 -22.06 13.47
N SER C 144 -7.54 -23.30 13.94
CA SER C 144 -7.66 -23.56 15.37
C SER C 144 -6.46 -23.02 16.17
N ALA C 145 -5.51 -22.38 15.49
CA ALA C 145 -4.34 -21.83 16.17
C ALA C 145 -4.21 -20.34 15.88
N GLY C 146 -5.23 -19.80 15.21
CA GLY C 146 -5.22 -18.39 14.86
C GLY C 146 -4.63 -18.23 13.47
N ILE C 147 -3.88 -19.24 13.06
CA ILE C 147 -3.21 -19.29 11.76
C ILE C 147 -4.13 -19.25 10.56
N ILE C 148 -3.87 -18.29 9.67
CA ILE C 148 -4.64 -18.13 8.45
C ILE C 148 -3.65 -18.45 7.34
N HIS C 149 -4.09 -19.17 6.32
CA HIS C 149 -3.18 -19.54 5.23
C HIS C 149 -2.87 -18.37 4.33
N ARG C 150 -3.92 -17.84 3.70
CA ARG C 150 -3.84 -16.68 2.81
C ARG C 150 -3.34 -16.94 1.40
N ASP C 151 -2.82 -18.13 1.14
CA ASP C 151 -2.33 -18.45 -0.20
C ASP C 151 -2.79 -19.83 -0.65
N LEU C 152 -4.10 -20.07 -0.54
CA LEU C 152 -4.68 -21.33 -0.92
C LEU C 152 -5.01 -21.35 -2.40
N LYS C 153 -4.32 -22.20 -3.15
CA LYS C 153 -4.55 -22.31 -4.59
C LYS C 153 -4.18 -23.69 -5.03
N PRO C 154 -4.58 -24.07 -6.25
CA PRO C 154 -4.24 -25.41 -6.76
C PRO C 154 -2.74 -25.70 -6.65
N SER C 155 -1.93 -24.71 -7.00
CA SER C 155 -0.47 -24.85 -6.94
C SER C 155 -0.02 -25.33 -5.55
N ASN C 156 -0.79 -24.97 -4.52
CA ASN C 156 -0.46 -25.31 -3.13
C ASN C 156 -1.15 -26.53 -2.52
N ILE C 157 -1.98 -27.22 -3.29
CA ILE C 157 -2.59 -28.40 -2.73
C ILE C 157 -2.17 -29.64 -3.52
N VAL C 158 -1.66 -30.64 -2.79
CA VAL C 158 -1.17 -31.89 -3.36
C VAL C 158 -2.11 -33.06 -3.09
N VAL C 159 -2.15 -34.02 -4.01
CA VAL C 159 -2.99 -35.19 -3.85
C VAL C 159 -2.20 -36.45 -4.11
N LYS C 160 -2.75 -37.59 -3.72
CA LYS C 160 -2.08 -38.88 -3.93
C LYS C 160 -3.07 -39.80 -4.65
N SER C 161 -2.62 -41.01 -4.96
CA SER C 161 -3.48 -41.95 -5.68
C SER C 161 -4.51 -42.60 -4.78
N ASP C 162 -4.21 -42.65 -3.48
CA ASP C 162 -5.10 -43.24 -2.47
C ASP C 162 -6.27 -42.29 -2.20
N CYS C 163 -6.27 -41.20 -2.96
CA CYS C 163 -7.28 -40.15 -2.91
C CYS C 163 -7.23 -39.36 -1.61
N THR C 164 -6.07 -38.78 -1.33
CA THR C 164 -5.90 -37.99 -0.11
C THR C 164 -5.07 -36.74 -0.41
N LEU C 165 -5.60 -35.55 -0.12
CA LEU C 165 -4.84 -34.33 -0.40
C LEU C 165 -4.26 -33.70 0.87
N LYS C 166 -3.46 -32.65 0.69
CA LYS C 166 -2.81 -31.97 1.82
C LYS C 166 -2.46 -30.51 1.51
N ILE C 167 -2.73 -29.62 2.46
CA ILE C 167 -2.41 -28.22 2.26
C ILE C 167 -0.90 -28.13 2.22
N LEU C 168 -0.41 -27.06 1.64
CA LEU C 168 1.02 -26.88 1.48
C LEU C 168 1.39 -25.42 1.63
N ASP C 169 2.70 -25.13 1.62
CA ASP C 169 3.21 -23.77 1.76
C ASP C 169 2.68 -23.06 3.01
N PHE C 170 3.60 -22.60 3.84
CA PHE C 170 3.23 -21.91 5.07
C PHE C 170 3.74 -20.48 5.17
N GLY C 171 4.68 -20.09 4.33
CA GLY C 171 5.21 -18.72 4.40
C GLY C 171 4.23 -17.58 4.64
N LEU C 172 3.29 -17.40 3.72
CA LEU C 172 2.34 -16.32 3.81
C LEU C 172 1.24 -16.51 4.85
N ALA C 173 1.46 -17.42 5.78
CA ALA C 173 0.46 -17.69 6.81
C ALA C 173 0.72 -16.97 8.11
N ARG C 174 -0.33 -16.82 8.90
CA ARG C 174 -0.26 -16.17 10.20
C ARG C 174 -1.63 -15.73 10.73
N THR C 175 -1.66 -15.37 12.00
CA THR C 175 -2.90 -14.94 12.66
C THR C 175 -3.47 -13.69 11.99
N ALA C 176 -4.75 -13.42 12.26
CA ALA C 176 -5.43 -12.27 11.69
C ALA C 176 -4.62 -10.98 11.75
N GLY C 177 -5.09 -9.97 11.03
CA GLY C 177 -4.41 -8.68 10.99
C GLY C 177 -5.21 -7.60 10.26
N THR C 178 -4.58 -6.47 9.98
CA THR C 178 -5.26 -5.36 9.32
C THR C 178 -4.60 -4.85 8.04
N SER C 179 -5.37 -4.04 7.32
CA SER C 179 -4.95 -3.42 6.06
C SER C 179 -4.40 -4.34 4.97
N PHE C 180 -3.63 -3.72 4.08
CA PHE C 180 -3.03 -4.38 2.92
C PHE C 180 -2.00 -5.50 3.14
N MET C 181 -1.29 -5.79 2.07
CA MET C 181 -0.29 -6.86 2.02
C MET C 181 1.03 -6.36 1.44
N MET C 182 2.11 -6.47 2.19
CA MET C 182 3.41 -6.06 1.64
C MET C 182 3.78 -7.19 0.68
N GLU C 183 4.12 -6.81 -0.54
CA GLU C 183 4.49 -7.78 -1.58
C GLU C 183 3.27 -8.58 -2.02
N PRO C 184 2.27 -7.89 -2.60
CA PRO C 184 1.04 -8.51 -3.08
C PRO C 184 1.25 -9.60 -4.10
N GLU C 185 2.17 -9.34 -5.04
CA GLU C 185 2.48 -10.29 -6.12
C GLU C 185 2.89 -11.68 -5.65
N VAL C 186 2.93 -11.86 -4.33
CA VAL C 186 3.27 -13.15 -3.75
C VAL C 186 1.97 -13.95 -3.62
N VAL C 187 0.88 -13.28 -3.28
CA VAL C 187 -0.42 -13.93 -3.18
C VAL C 187 -0.96 -13.96 -4.61
N THR C 188 -1.53 -15.10 -5.01
CA THR C 188 -2.04 -15.22 -6.36
C THR C 188 -3.37 -14.50 -6.62
N ARG C 189 -3.33 -13.64 -7.62
CA ARG C 189 -4.46 -12.82 -8.05
C ARG C 189 -5.80 -13.53 -8.12
N TYR C 190 -5.85 -14.60 -8.91
CA TYR C 190 -7.07 -15.35 -9.10
C TYR C 190 -7.79 -15.75 -7.82
N TYR C 191 -7.04 -15.95 -6.74
CA TYR C 191 -7.64 -16.39 -5.50
C TYR C 191 -7.69 -15.40 -4.35
N ARG C 192 -7.58 -14.11 -4.64
CA ARG C 192 -7.61 -13.11 -3.58
C ARG C 192 -9.03 -12.77 -3.18
N ALA C 193 -9.31 -12.80 -1.88
CA ALA C 193 -10.63 -12.46 -1.39
C ALA C 193 -10.71 -10.95 -1.49
N PRO C 194 -11.91 -10.40 -1.64
CA PRO C 194 -12.07 -8.96 -1.75
C PRO C 194 -11.37 -8.16 -0.67
N GLU C 195 -11.50 -8.63 0.57
CA GLU C 195 -10.87 -7.94 1.68
C GLU C 195 -9.36 -8.07 1.65
N VAL C 196 -8.83 -8.28 0.47
CA VAL C 196 -7.41 -8.39 0.30
C VAL C 196 -7.14 -7.51 -0.91
N ILE C 197 -8.02 -7.66 -1.89
CA ILE C 197 -7.95 -6.89 -3.13
C ILE C 197 -8.06 -5.44 -2.72
N LEU C 198 -8.96 -5.18 -1.77
CA LEU C 198 -9.25 -3.84 -1.26
C LEU C 198 -8.62 -3.56 0.10
N GLY C 199 -7.66 -4.37 0.51
CA GLY C 199 -7.03 -4.18 1.81
C GLY C 199 -8.02 -3.82 2.91
N MET C 200 -8.91 -4.74 3.21
CA MET C 200 -9.93 -4.49 4.22
C MET C 200 -9.67 -5.17 5.55
N GLY C 201 -8.47 -5.68 5.78
CA GLY C 201 -8.29 -6.36 7.05
C GLY C 201 -9.05 -7.66 6.91
N TYR C 202 -8.54 -8.72 7.52
CA TYR C 202 -9.20 -10.00 7.33
C TYR C 202 -9.18 -10.88 8.54
N LYS C 203 -9.98 -11.93 8.46
CA LYS C 203 -10.11 -12.91 9.51
C LYS C 203 -9.66 -14.22 8.90
N GLU C 204 -9.96 -15.33 9.56
CA GLU C 204 -9.57 -16.64 9.04
C GLU C 204 -10.51 -17.07 7.91
N ASN C 205 -11.76 -16.62 7.96
CA ASN C 205 -12.73 -17.00 6.95
C ASN C 205 -12.44 -16.35 5.59
N VAL C 206 -11.21 -15.89 5.43
CA VAL C 206 -10.76 -15.28 4.19
C VAL C 206 -10.26 -16.41 3.30
N ASP C 207 -9.74 -17.47 3.92
CA ASP C 207 -9.24 -18.64 3.18
C ASP C 207 -10.39 -19.35 2.49
N LEU C 208 -11.60 -19.19 3.00
CA LEU C 208 -12.76 -19.83 2.41
C LEU C 208 -13.19 -19.26 1.07
N TRP C 209 -12.80 -18.02 0.79
CA TRP C 209 -13.13 -17.41 -0.49
C TRP C 209 -12.31 -18.14 -1.53
N SER C 210 -11.05 -18.40 -1.18
CA SER C 210 -10.11 -19.09 -2.05
C SER C 210 -10.59 -20.53 -2.25
N VAL C 211 -11.15 -21.10 -1.19
CA VAL C 211 -11.65 -22.45 -1.28
C VAL C 211 -12.80 -22.44 -2.27
N GLY C 212 -13.66 -21.43 -2.17
CA GLY C 212 -14.77 -21.36 -3.10
C GLY C 212 -14.21 -21.22 -4.50
N CYS C 213 -13.14 -20.45 -4.62
CA CYS C 213 -12.48 -20.21 -5.90
C CYS C 213 -11.90 -21.48 -6.49
N ILE C 214 -11.45 -22.38 -5.62
CA ILE C 214 -10.88 -23.63 -6.06
C ILE C 214 -11.99 -24.62 -6.39
N MET C 215 -12.96 -24.76 -5.49
CA MET C 215 -14.09 -25.63 -5.71
C MET C 215 -14.86 -25.21 -6.97
N GLY C 216 -14.75 -23.93 -7.31
CA GLY C 216 -15.44 -23.44 -8.48
C GLY C 216 -14.64 -23.73 -9.74
N GLU C 217 -13.33 -23.87 -9.56
CA GLU C 217 -12.45 -24.15 -10.68
C GLU C 217 -12.39 -25.64 -10.91
N MET C 218 -12.64 -26.40 -9.85
CA MET C 218 -12.64 -27.85 -9.94
C MET C 218 -13.84 -28.26 -10.75
N VAL C 219 -14.93 -27.51 -10.58
CA VAL C 219 -16.19 -27.78 -11.27
C VAL C 219 -16.25 -27.26 -12.71
N CYS C 220 -15.45 -26.25 -13.02
CA CYS C 220 -15.46 -25.70 -14.37
C CYS C 220 -14.23 -26.07 -15.17
N HIS C 221 -13.17 -26.48 -14.49
CA HIS C 221 -11.92 -26.82 -15.16
C HIS C 221 -11.36 -25.53 -15.74
N LYS C 222 -11.90 -24.42 -15.24
CA LYS C 222 -11.49 -23.08 -15.64
C LYS C 222 -11.46 -22.14 -14.45
N ILE C 223 -10.65 -21.09 -14.52
CA ILE C 223 -10.54 -20.14 -13.43
C ILE C 223 -11.84 -19.36 -13.24
N LEU C 224 -12.28 -19.27 -11.99
CA LEU C 224 -13.51 -18.59 -11.63
C LEU C 224 -13.51 -17.10 -11.95
N PHE C 225 -12.41 -16.44 -11.65
CA PHE C 225 -12.31 -15.00 -11.92
C PHE C 225 -10.96 -14.71 -12.55
N PRO C 226 -10.87 -14.69 -13.89
CA PRO C 226 -9.63 -14.40 -14.63
C PRO C 226 -8.92 -13.20 -14.05
N GLY C 227 -9.10 -12.05 -14.68
CA GLY C 227 -8.44 -10.89 -14.15
C GLY C 227 -7.11 -10.71 -14.83
N ARG C 228 -7.03 -9.65 -15.63
CA ARG C 228 -5.84 -9.33 -16.38
C ARG C 228 -4.77 -8.65 -15.53
N ASP C 229 -5.12 -8.23 -14.33
CA ASP C 229 -4.15 -7.58 -13.45
C ASP C 229 -4.76 -7.32 -12.08
N TYR C 230 -3.93 -6.89 -11.14
CA TYR C 230 -4.37 -6.65 -9.76
C TYR C 230 -5.70 -5.94 -9.57
N ILE C 231 -5.95 -4.95 -10.41
CA ILE C 231 -7.19 -4.19 -10.31
C ILE C 231 -8.35 -4.77 -11.11
N ASP C 232 -8.05 -5.37 -12.25
CA ASP C 232 -9.11 -5.93 -13.07
C ASP C 232 -9.70 -7.16 -12.41
N GLN C 233 -9.02 -7.65 -11.39
CA GLN C 233 -9.49 -8.82 -10.66
C GLN C 233 -10.87 -8.54 -10.07
N TRP C 234 -11.08 -7.31 -9.59
CA TRP C 234 -12.35 -6.93 -9.01
C TRP C 234 -13.40 -6.83 -10.07
N ASN C 235 -13.06 -6.19 -11.18
CA ASN C 235 -14.01 -6.06 -12.29
C ASN C 235 -14.49 -7.43 -12.77
N LYS C 236 -13.81 -8.47 -12.35
CA LYS C 236 -14.20 -9.82 -12.75
C LYS C 236 -15.14 -10.42 -11.71
N VAL C 237 -14.87 -10.12 -10.44
CA VAL C 237 -15.69 -10.61 -9.33
C VAL C 237 -17.06 -9.93 -9.28
N ILE C 238 -17.10 -8.62 -9.49
CA ILE C 238 -18.36 -7.92 -9.42
C ILE C 238 -19.22 -8.17 -10.63
N GLU C 239 -18.62 -8.71 -11.67
CA GLU C 239 -19.40 -8.95 -12.87
C GLU C 239 -20.05 -10.33 -12.73
N GLN C 240 -19.46 -11.19 -11.90
CA GLN C 240 -20.01 -12.52 -11.69
C GLN C 240 -20.91 -12.51 -10.48
N LEU C 241 -20.41 -11.96 -9.38
CA LEU C 241 -21.17 -11.90 -8.13
C LEU C 241 -22.05 -10.65 -8.04
N GLY C 242 -21.67 -9.58 -8.75
CA GLY C 242 -22.46 -8.34 -8.73
C GLY C 242 -21.91 -7.26 -7.81
N THR C 243 -22.26 -5.99 -8.09
CA THR C 243 -21.80 -4.87 -7.25
C THR C 243 -22.39 -5.08 -5.85
N PRO C 244 -21.57 -4.97 -4.79
CA PRO C 244 -22.03 -5.16 -3.41
C PRO C 244 -22.92 -4.06 -2.82
N CYS C 245 -23.61 -4.41 -1.75
CA CYS C 245 -24.52 -3.49 -1.05
C CYS C 245 -23.74 -2.45 -0.26
N PRO C 246 -24.34 -1.28 -0.08
CA PRO C 246 -23.74 -0.15 0.64
C PRO C 246 -23.20 -0.52 2.01
N GLU C 247 -23.79 -1.52 2.66
CA GLU C 247 -23.28 -1.91 3.96
C GLU C 247 -21.82 -2.30 3.77
N PHE C 248 -21.52 -2.86 2.60
CA PHE C 248 -20.17 -3.30 2.28
C PHE C 248 -19.29 -2.12 1.98
N MET C 249 -19.70 -1.33 1.00
CA MET C 249 -18.95 -0.15 0.57
C MET C 249 -18.51 0.71 1.76
N LYS C 250 -19.35 0.79 2.80
CA LYS C 250 -19.00 1.60 3.94
C LYS C 250 -17.85 1.05 4.76
N LYS C 251 -17.54 -0.23 4.61
CA LYS C 251 -16.43 -0.80 5.38
C LYS C 251 -15.10 -0.59 4.67
N LEU C 252 -15.16 0.04 3.49
CA LEU C 252 -13.99 0.32 2.67
C LEU C 252 -13.31 1.62 3.08
N GLN C 253 -11.98 1.67 2.98
CA GLN C 253 -11.28 2.90 3.33
C GLN C 253 -11.84 3.99 2.42
N PRO C 254 -11.76 5.25 2.85
CA PRO C 254 -12.26 6.40 2.09
C PRO C 254 -11.82 6.39 0.63
N THR C 255 -10.51 6.27 0.43
CA THR C 255 -9.90 6.29 -0.89
C THR C 255 -10.22 5.09 -1.80
N VAL C 256 -10.23 3.88 -1.25
CA VAL C 256 -10.55 2.71 -2.08
C VAL C 256 -12.03 2.80 -2.38
N ARG C 257 -12.81 2.96 -1.32
CA ARG C 257 -14.25 3.07 -1.45
C ARG C 257 -14.65 3.93 -2.64
N THR C 258 -14.04 5.08 -2.77
CA THR C 258 -14.38 5.96 -3.86
C THR C 258 -14.28 5.27 -5.21
N TYR C 259 -13.21 4.51 -5.41
CA TYR C 259 -13.02 3.81 -6.67
C TYR C 259 -14.10 2.80 -6.86
N VAL C 260 -14.25 1.95 -5.84
CA VAL C 260 -15.25 0.91 -5.85
C VAL C 260 -16.64 1.43 -6.19
N GLU C 261 -17.10 2.46 -5.48
CA GLU C 261 -18.42 3.00 -5.75
C GLU C 261 -18.49 3.66 -7.11
N ASN C 262 -17.33 3.90 -7.70
CA ASN C 262 -17.24 4.54 -9.01
C ASN C 262 -17.31 3.62 -10.22
N ARG C 263 -17.17 2.32 -9.99
CA ARG C 263 -17.22 1.36 -11.08
C ARG C 263 -18.61 1.30 -11.65
N PRO C 264 -18.77 0.60 -12.78
CA PRO C 264 -20.09 0.47 -13.37
C PRO C 264 -20.84 -0.48 -12.47
N LYS C 265 -22.16 -0.34 -12.44
CA LYS C 265 -22.98 -1.20 -11.60
C LYS C 265 -23.12 -2.56 -12.25
N TYR C 266 -23.08 -3.60 -11.42
CA TYR C 266 -23.17 -4.97 -11.90
C TYR C 266 -24.22 -5.85 -11.24
N ALA C 267 -25.20 -6.24 -12.04
CA ALA C 267 -26.30 -7.09 -11.59
C ALA C 267 -25.81 -8.36 -10.90
N GLY C 268 -24.87 -9.05 -11.56
CA GLY C 268 -24.35 -10.29 -11.03
C GLY C 268 -25.02 -11.39 -11.82
N TYR C 269 -24.71 -12.65 -11.52
CA TYR C 269 -25.34 -13.78 -12.20
C TYR C 269 -25.82 -14.77 -11.15
N SER C 270 -26.90 -15.47 -11.44
CA SER C 270 -27.42 -16.46 -10.49
C SER C 270 -26.40 -17.60 -10.40
N PHE C 271 -26.34 -18.26 -9.25
CA PHE C 271 -25.40 -19.36 -9.13
C PHE C 271 -25.80 -20.56 -9.95
N GLU C 272 -26.92 -20.44 -10.67
CA GLU C 272 -27.36 -21.53 -11.52
C GLU C 272 -26.62 -21.26 -12.81
N LYS C 273 -26.64 -20.00 -13.24
CA LYS C 273 -25.93 -19.61 -14.44
C LYS C 273 -24.45 -19.85 -14.11
N LEU C 274 -23.94 -19.19 -13.08
CA LEU C 274 -22.55 -19.37 -12.72
C LEU C 274 -22.20 -20.84 -12.60
N PHE C 275 -23.16 -21.67 -12.21
CA PHE C 275 -22.87 -23.08 -12.05
C PHE C 275 -24.00 -24.00 -12.43
N PRO C 276 -24.34 -24.06 -13.73
CA PRO C 276 -25.42 -24.89 -14.24
C PRO C 276 -25.10 -26.38 -14.04
N ASP C 277 -26.08 -27.14 -13.59
CA ASP C 277 -25.94 -28.57 -13.32
C ASP C 277 -24.91 -29.30 -14.17
N VAL C 278 -25.14 -29.30 -15.47
CA VAL C 278 -24.25 -29.95 -16.42
C VAL C 278 -22.80 -30.09 -15.97
N LEU C 279 -22.31 -29.10 -15.24
CA LEU C 279 -20.94 -29.11 -14.78
C LEU C 279 -20.71 -30.06 -13.60
N PHE C 280 -21.65 -30.07 -12.64
CA PHE C 280 -21.53 -30.94 -11.48
C PHE C 280 -21.69 -32.39 -11.91
N PRO C 281 -21.06 -33.33 -11.17
CA PRO C 281 -21.14 -34.75 -11.48
C PRO C 281 -22.56 -35.28 -11.49
N ALA C 282 -22.71 -36.54 -11.89
CA ALA C 282 -24.00 -37.20 -11.98
C ALA C 282 -24.71 -37.27 -10.64
N ASP C 283 -25.69 -36.40 -10.45
CA ASP C 283 -26.46 -36.38 -9.21
C ASP C 283 -26.99 -37.80 -9.07
N SER C 284 -26.66 -38.45 -7.96
CA SER C 284 -27.13 -39.81 -7.74
C SER C 284 -28.65 -39.82 -7.67
N GLU C 285 -29.19 -40.07 -6.48
CA GLU C 285 -30.63 -40.11 -6.25
C GLU C 285 -30.87 -39.96 -4.75
N HIS C 286 -29.84 -40.31 -3.99
CA HIS C 286 -29.84 -40.26 -2.54
C HIS C 286 -29.97 -38.85 -1.98
N ASN C 287 -30.11 -38.77 -0.67
CA ASN C 287 -30.22 -37.51 0.04
C ASN C 287 -28.81 -36.96 0.25
N LYS C 288 -27.83 -37.83 0.07
CA LYS C 288 -26.42 -37.49 0.23
C LYS C 288 -25.87 -36.34 -0.59
N LEU C 289 -25.08 -36.68 -1.61
CA LEU C 289 -24.41 -35.69 -2.48
C LEU C 289 -25.13 -35.35 -3.77
N LYS C 290 -25.56 -34.09 -3.88
CA LYS C 290 -26.25 -33.59 -5.07
C LYS C 290 -25.54 -32.36 -5.61
N ALA C 291 -25.93 -31.93 -6.80
CA ALA C 291 -25.33 -30.75 -7.40
C ALA C 291 -25.88 -29.56 -6.65
N SER C 292 -27.20 -29.57 -6.47
CA SER C 292 -27.89 -28.50 -5.76
C SER C 292 -27.24 -28.18 -4.43
N GLN C 293 -26.61 -29.18 -3.83
CA GLN C 293 -25.93 -29.00 -2.54
C GLN C 293 -24.59 -28.33 -2.77
N ALA C 294 -23.75 -28.96 -3.58
CA ALA C 294 -22.43 -28.42 -3.89
C ALA C 294 -22.60 -26.97 -4.27
N ARG C 295 -23.55 -26.73 -5.17
CA ARG C 295 -23.84 -25.39 -5.63
C ARG C 295 -24.11 -24.49 -4.42
N ASP C 296 -25.00 -24.94 -3.55
CA ASP C 296 -25.32 -24.18 -2.35
C ASP C 296 -24.05 -23.89 -1.55
N LEU C 297 -23.18 -24.88 -1.45
CA LEU C 297 -21.93 -24.70 -0.73
C LEU C 297 -21.13 -23.58 -1.38
N LEU C 298 -21.18 -23.51 -2.71
CA LEU C 298 -20.47 -22.48 -3.43
C LEU C 298 -21.07 -21.13 -3.06
N SER C 299 -22.37 -21.00 -3.27
CA SER C 299 -23.09 -19.75 -2.98
C SER C 299 -22.81 -19.22 -1.57
N LYS C 300 -22.28 -20.06 -0.70
CA LYS C 300 -21.99 -19.64 0.64
C LYS C 300 -20.54 -19.18 0.85
N MET C 301 -19.60 -19.77 0.12
CA MET C 301 -18.20 -19.39 0.23
C MET C 301 -17.94 -18.18 -0.65
N LEU C 302 -18.41 -18.26 -1.89
CA LEU C 302 -18.21 -17.18 -2.83
C LEU C 302 -19.08 -15.99 -2.47
N VAL C 303 -18.73 -15.33 -1.37
CA VAL C 303 -19.48 -14.16 -0.94
C VAL C 303 -18.51 -13.03 -0.65
N ILE C 304 -18.79 -11.87 -1.22
CA ILE C 304 -17.92 -10.71 -1.05
C ILE C 304 -17.73 -10.18 0.36
N ASP C 305 -18.83 -10.00 1.10
CA ASP C 305 -18.74 -9.49 2.45
C ASP C 305 -18.32 -10.61 3.42
N ALA C 306 -17.02 -10.68 3.73
CA ALA C 306 -16.46 -11.70 4.63
C ALA C 306 -17.33 -12.03 5.83
N SER C 307 -18.04 -11.02 6.32
CA SER C 307 -18.92 -11.17 7.47
C SER C 307 -20.03 -12.17 7.16
N LYS C 308 -20.72 -11.96 6.05
CA LYS C 308 -21.80 -12.82 5.65
C LYS C 308 -21.32 -14.11 5.01
N ARG C 309 -20.01 -14.34 5.00
CA ARG C 309 -19.51 -15.56 4.38
C ARG C 309 -19.75 -16.75 5.29
N ILE C 310 -19.08 -17.86 5.04
CA ILE C 310 -19.27 -19.06 5.86
C ILE C 310 -18.01 -19.52 6.55
N SER C 311 -18.11 -19.82 7.85
CA SER C 311 -16.97 -20.27 8.62
C SER C 311 -16.46 -21.61 8.11
N VAL C 312 -15.26 -21.99 8.53
CA VAL C 312 -14.69 -23.26 8.13
C VAL C 312 -15.57 -24.39 8.67
N ASP C 313 -15.84 -24.34 9.97
CA ASP C 313 -16.66 -25.36 10.62
C ASP C 313 -18.02 -25.58 10.02
N GLU C 314 -18.70 -24.51 9.65
CA GLU C 314 -20.01 -24.67 9.06
C GLU C 314 -19.87 -25.42 7.74
N ALA C 315 -18.73 -25.23 7.09
CA ALA C 315 -18.44 -25.88 5.83
C ALA C 315 -18.33 -27.39 6.04
N LEU C 316 -17.67 -27.77 7.13
CA LEU C 316 -17.51 -29.19 7.46
C LEU C 316 -18.84 -29.78 7.93
N GLN C 317 -19.79 -28.90 8.21
CA GLN C 317 -21.12 -29.32 8.67
C GLN C 317 -22.15 -29.19 7.55
N HIS C 318 -21.68 -28.89 6.35
CA HIS C 318 -22.57 -28.75 5.22
C HIS C 318 -22.88 -30.11 4.60
N PRO C 319 -24.15 -30.35 4.28
CA PRO C 319 -24.60 -31.61 3.68
C PRO C 319 -23.70 -32.17 2.56
N TYR C 320 -23.03 -31.30 1.83
CA TYR C 320 -22.17 -31.78 0.75
C TYR C 320 -20.84 -32.30 1.28
N ILE C 321 -20.49 -31.91 2.48
CA ILE C 321 -19.23 -32.32 3.06
C ILE C 321 -19.41 -33.16 4.31
N ASN C 322 -20.55 -32.97 4.98
CA ASN C 322 -20.80 -33.68 6.22
C ASN C 322 -20.53 -35.17 6.20
N VAL C 323 -20.97 -35.85 5.15
CA VAL C 323 -20.78 -37.29 5.02
C VAL C 323 -19.48 -37.82 5.63
N TRP C 324 -18.35 -37.40 5.09
CA TRP C 324 -17.06 -37.88 5.57
C TRP C 324 -16.65 -37.41 6.97
N TYR C 325 -17.53 -36.69 7.66
CA TYR C 325 -17.20 -36.16 8.98
C TYR C 325 -16.58 -37.14 9.96
N ASP C 326 -15.47 -36.73 10.58
CA ASP C 326 -14.77 -37.55 11.56
C ASP C 326 -13.97 -36.67 12.52
N PRO C 327 -14.47 -36.50 13.74
CA PRO C 327 -13.89 -35.70 14.83
C PRO C 327 -12.40 -35.88 15.09
N SER C 328 -11.85 -37.03 14.71
CA SER C 328 -10.42 -37.28 14.93
C SER C 328 -9.53 -36.52 13.95
N GLU C 329 -10.16 -35.79 13.03
CA GLU C 329 -9.42 -35.04 12.03
C GLU C 329 -10.18 -33.76 11.71
N ALA C 330 -11.49 -33.82 11.93
CA ALA C 330 -12.38 -32.69 11.68
C ALA C 330 -12.56 -31.87 12.94
N GLU C 331 -11.78 -32.21 13.96
CA GLU C 331 -11.83 -31.50 15.22
C GLU C 331 -10.83 -32.09 16.21
N ALA C 332 -9.64 -32.38 15.69
CA ALA C 332 -8.56 -32.94 16.49
C ALA C 332 -7.76 -31.75 17.04
N PRO C 333 -6.88 -32.00 18.01
CA PRO C 333 -6.02 -31.01 18.68
C PRO C 333 -5.31 -29.97 17.82
N PRO C 334 -5.49 -28.68 18.17
CA PRO C 334 -4.90 -27.52 17.48
C PRO C 334 -3.39 -27.48 17.74
N PRO C 335 -2.62 -26.93 16.78
CA PRO C 335 -1.17 -26.82 16.88
C PRO C 335 -0.68 -25.86 17.96
N LYS C 336 0.09 -26.36 18.90
CA LYS C 336 0.61 -25.52 19.98
C LYS C 336 1.79 -24.68 19.51
N ILE C 337 1.54 -23.40 19.28
CA ILE C 337 2.60 -22.51 18.83
C ILE C 337 3.22 -21.82 20.03
N PRO C 338 4.56 -21.89 20.15
CA PRO C 338 5.28 -21.28 21.27
C PRO C 338 4.78 -19.91 21.75
N ASP C 339 4.82 -18.89 20.88
CA ASP C 339 4.40 -17.54 21.25
C ASP C 339 5.05 -16.53 20.31
N LYS C 340 5.39 -16.95 19.10
CA LYS C 340 6.13 -16.07 18.18
C LYS C 340 5.62 -15.91 16.75
N GLN C 341 4.45 -16.46 16.45
CA GLN C 341 3.93 -16.36 15.07
C GLN C 341 2.79 -15.37 14.89
N LEU C 342 2.11 -15.07 15.99
CA LEU C 342 0.96 -14.17 16.00
C LEU C 342 1.15 -12.69 15.65
N ASP C 343 0.50 -11.86 16.46
CA ASP C 343 0.48 -10.41 16.36
C ASP C 343 1.67 -9.66 15.74
N GLU C 344 2.31 -8.87 16.57
CA GLU C 344 3.44 -8.03 16.18
C GLU C 344 4.81 -8.41 16.74
N ARG C 345 5.84 -8.20 15.92
CA ARG C 345 7.23 -8.47 16.30
C ARG C 345 8.09 -8.47 15.04
N GLU C 346 8.69 -7.32 14.75
CA GLU C 346 9.52 -7.18 13.58
C GLU C 346 10.95 -6.74 13.86
N HIS C 347 11.88 -7.68 13.76
CA HIS C 347 13.29 -7.40 13.98
C HIS C 347 13.81 -6.87 12.66
N THR C 348 15.11 -7.05 12.41
CA THR C 348 15.70 -6.60 11.15
C THR C 348 16.64 -7.67 10.59
N ILE C 349 16.70 -7.75 9.27
CA ILE C 349 17.56 -8.69 8.56
C ILE C 349 18.37 -9.62 9.45
N GLU C 350 19.59 -9.22 9.79
CA GLU C 350 20.48 -10.03 10.61
C GLU C 350 19.79 -10.73 11.78
N GLU C 351 19.01 -9.98 12.57
CA GLU C 351 18.30 -10.55 13.71
C GLU C 351 17.50 -11.77 13.29
N TRP C 352 16.81 -11.65 12.17
CA TRP C 352 16.05 -12.77 11.65
C TRP C 352 17.06 -13.85 11.29
N LYS C 353 18.09 -13.47 10.53
CA LYS C 353 19.13 -14.39 10.11
C LYS C 353 19.59 -15.18 11.33
N GLU C 354 19.71 -14.50 12.46
CA GLU C 354 20.10 -15.15 13.70
C GLU C 354 18.94 -16.04 14.12
N LEU C 355 17.74 -15.46 14.20
CA LEU C 355 16.55 -16.19 14.57
C LEU C 355 16.41 -17.47 13.75
N ILE C 356 16.67 -17.33 12.46
CA ILE C 356 16.60 -18.45 11.53
C ILE C 356 17.77 -19.42 11.72
N TYR C 357 19.00 -18.95 11.53
CA TYR C 357 20.14 -19.83 11.70
C TYR C 357 20.09 -20.55 13.03
N LYS C 358 19.44 -19.91 14.00
CA LYS C 358 19.32 -20.52 15.31
C LYS C 358 18.20 -21.53 15.21
N GLU C 359 17.20 -21.20 14.40
CA GLU C 359 16.01 -22.03 14.18
C GLU C 359 16.32 -23.27 13.36
N VAL C 360 17.12 -23.09 12.30
CA VAL C 360 17.50 -24.19 11.44
C VAL C 360 18.33 -25.19 12.24
N MET C 361 19.20 -24.67 13.08
CA MET C 361 20.11 -25.48 13.89
C MET C 361 19.53 -26.58 14.74
N ASP C 362 19.07 -26.23 15.94
CA ASP C 362 18.51 -27.25 16.84
C ASP C 362 17.48 -28.08 16.07
N LEU C 363 17.20 -27.65 14.85
CA LEU C 363 16.23 -28.29 13.97
C LEU C 363 16.85 -29.37 13.07
N GLU C 364 16.08 -29.99 12.31
N PRO D 2 -22.59 -44.57 2.73
CA PRO D 2 -21.51 -44.01 1.88
C PRO D 2 -20.14 -44.32 2.49
N LYS D 3 -19.19 -44.73 1.66
CA LYS D 3 -17.86 -45.05 2.16
C LYS D 3 -16.74 -44.30 1.44
N ARG D 4 -15.80 -43.78 2.22
CA ARG D 4 -14.70 -43.01 1.68
C ARG D 4 -13.94 -43.58 0.50
N PRO D 5 -13.81 -42.78 -0.55
CA PRO D 5 -13.11 -43.12 -1.80
C PRO D 5 -11.67 -43.44 -1.47
N THR D 6 -11.09 -44.36 -2.22
CA THR D 6 -9.72 -44.79 -1.97
C THR D 6 -8.90 -44.91 -3.25
N THR D 7 -9.39 -44.29 -4.32
CA THR D 7 -8.70 -44.34 -5.60
C THR D 7 -9.01 -43.12 -6.48
N LEU D 8 -7.97 -42.40 -6.88
CA LEU D 8 -8.09 -41.21 -7.72
C LEU D 8 -7.11 -41.37 -8.87
N ASN D 9 -7.58 -41.33 -10.11
CA ASN D 9 -6.68 -41.49 -11.24
C ASN D 9 -5.91 -40.23 -11.61
N LEU D 10 -4.59 -40.27 -11.40
CA LEU D 10 -3.75 -39.11 -11.67
C LEU D 10 -2.87 -39.21 -12.92
N PHE D 11 -3.51 -39.26 -14.08
CA PHE D 11 -2.78 -39.33 -15.36
C PHE D 11 -3.46 -38.51 -16.46
S SO4 E . -8.39 9.97 -3.10
O1 SO4 E . -8.11 10.51 -4.40
O2 SO4 E . -7.23 9.36 -2.54
O3 SO4 E . -8.81 11.04 -2.25
O4 SO4 E . -9.43 9.02 -3.21
S SO4 F . 4.12 9.02 6.19
O1 SO4 F . 3.92 10.34 6.70
O2 SO4 F . 3.33 8.83 5.02
O3 SO4 F . 5.51 8.83 5.87
O4 SO4 F . 3.73 8.07 7.19
C1 893 G . -8.31 33.75 4.09
C2 893 G . -6.92 33.19 3.73
C3 893 G . -5.74 34.06 4.19
C4 893 G . -5.98 35.25 4.88
C5 893 G . -7.28 35.70 5.19
C6 893 G . -8.42 34.95 4.80
C9 893 G . -4.32 33.67 3.91
N1 893 G . -3.90 32.56 4.77
C8 893 G . -2.74 32.59 5.46
C14 893 G . -2.48 31.38 6.26
N16 893 G . -3.39 30.34 6.24
C17 893 G . -3.14 29.21 6.98
C18 893 G . -1.97 29.10 7.77
C19 893 G . -1.05 30.16 7.78
C20 893 G . -1.29 31.32 7.03
O22 893 G . -7.37 36.91 5.89
C23 893 G . -7.54 36.78 7.30
O27 893 G . -6.69 32.00 3.03
C28 893 G . -6.94 30.80 3.73
C34 893 G . -1.71 27.93 8.53
N35 893 G . -1.47 27.00 9.17
O36 893 G . -4.07 28.16 6.96
C37 893 G . -5.26 28.39 6.21
C7 893 G . -5.08 27.79 4.82
O1 893 G . -1.97 33.56 5.42
C1 GOL H . -1.72 -0.50 -8.67
O1 GOL H . -1.61 -1.56 -7.73
C2 GOL H . -2.26 0.81 -8.04
O2 GOL H . -1.22 1.50 -7.33
C3 GOL H . -2.90 1.76 -9.09
O3 GOL H . -2.06 2.85 -9.42
S SO4 I . -0.73 -9.50 -9.74
O1 SO4 I . -0.26 -8.23 -10.19
O2 SO4 I . -0.67 -9.60 -8.33
O3 SO4 I . -2.07 -9.70 -10.16
O4 SO4 I . 0.08 -10.53 -10.31
S SO4 J . 2.27 -9.53 5.70
O1 SO4 J . 2.32 -10.92 6.06
O2 SO4 J . 1.30 -9.34 4.65
O3 SO4 J . 1.89 -8.76 6.83
O4 SO4 J . 3.54 -9.12 5.24
C1 893 K . 5.10 -32.97 -9.36
C2 893 K . 4.25 -32.65 -8.11
C3 893 K . 4.33 -33.69 -6.97
C4 893 K . 5.14 -34.84 -7.15
C5 893 K . 5.90 -35.08 -8.34
C6 893 K . 5.87 -34.14 -9.42
C9 893 K . 3.56 -33.51 -5.68
N1 893 K . 4.10 -32.41 -4.87
C8 893 K . 4.38 -32.54 -3.55
C14 893 K . 4.94 -31.32 -2.94
N16 893 K . 5.11 -30.19 -3.70
C17 893 K . 5.65 -29.08 -3.12
C18 893 K . 6.01 -29.06 -1.75
C19 893 K . 5.84 -30.22 -0.98
C20 893 K . 5.29 -31.37 -1.57
O22 893 K . 6.66 -36.28 -8.37
C23 893 K . 7.81 -36.31 -9.25
O27 893 K . 3.47 -31.52 -7.95
C28 893 K . 4.18 -30.34 -7.70
C34 893 K . 6.58 -27.91 -1.13
N35 893 K . 6.98 -26.95 -0.61
O36 893 K . 5.82 -27.91 -3.92
C37 893 K . 5.96 -28.11 -5.32
C7 893 K . 4.97 -27.18 -6.05
O1 893 K . 4.19 -33.57 -2.92
C1 GOL L . -6.80 1.09 -3.96
O1 GOL L . -6.55 2.34 -4.60
C2 GOL L . -6.85 -0.11 -4.95
O2 GOL L . -6.30 -1.27 -4.32
C3 GOL L . -8.27 -0.40 -5.46
O3 GOL L . -8.43 -1.75 -5.83
#